data_6DXF
#
_entry.id   6DXF
#
_cell.length_a   55.540
_cell.length_b   67.064
_cell.length_c   102.993
_cell.angle_alpha   90.000
_cell.angle_beta   91.720
_cell.angle_gamma   90.000
#
_symmetry.space_group_name_H-M   'P 1 21 1'
#
loop_
_entity.id
_entity.type
_entity.pdbx_description
1 polymer 'Chalcone synthase'
2 water water
#
_entity_poly.entity_id   1
_entity_poly.type   'polypeptide(L)'
_entity_poly.pdbx_seq_one_letter_code
;MTIQDFQSSGKATVLAVGTAVPPKEFDQSTYPDFYFNVTNCNDKVELKGKFQRICDRSGIKKRHFYLDEEILKANPGMCT
YMGASLDVRQNIAVREVPKLAKEAALKAIKEWGQPKSKITHLVFGTTSGVDMPGADFQLLKLLGLRPNVKRIMLYQQG
(CSO)SAGATVTRVAKDLAENNPGARVLVACSEVTAVTFRAPSETHLDGLVGAALFGDGAAALIIGSNPTPVEKPLFEVH
WSGQCVLPDSDGAILGHLREAGLVFHLLKDVPGIISKNIEKLLAEPLDYVKSVDEASPAYTDLFWVVHPGGPAILDQVEA
KLKLDKDRMQATRDVLAQYGNMSSASVLFVLDQMRKRSVELNKDTTGDGLKWGVMLGFGPGLTVETLLLKSI
;
_entity_poly.pdbx_strand_id   A,B
#
# COMPACT_ATOMS: atom_id res chain seq x y z
N SER A 9 23.91 3.60 16.31
CA SER A 9 23.78 5.02 16.62
C SER A 9 22.68 5.67 15.81
N GLY A 10 21.47 5.74 16.37
CA GLY A 10 20.36 6.34 15.68
C GLY A 10 19.65 5.34 14.78
N LYS A 11 20.15 4.11 14.71
CA LYS A 11 19.50 3.10 13.87
C LYS A 11 18.12 2.70 14.39
N ALA A 12 17.21 2.43 13.46
CA ALA A 12 15.90 1.89 13.81
C ALA A 12 16.04 0.58 14.57
N THR A 13 15.37 0.52 15.71
CA THR A 13 15.44 -0.57 16.64
C THR A 13 14.07 -1.14 16.93
N VAL A 14 14.00 -2.47 16.93
CA VAL A 14 12.83 -3.21 17.33
C VAL A 14 12.78 -3.22 18.86
N LEU A 15 11.68 -2.68 19.39
CA LEU A 15 11.54 -2.46 20.83
C LEU A 15 10.53 -3.41 21.45
N ALA A 16 9.76 -4.08 20.59
CA ALA A 16 8.73 -4.99 21.04
C ALA A 16 8.19 -5.80 19.86
N VAL A 17 7.72 -7.01 20.19
CA VAL A 17 7.06 -7.88 19.21
C VAL A 17 5.88 -8.56 19.89
N GLY A 18 4.75 -8.63 19.21
CA GLY A 18 3.60 -9.33 19.72
C GLY A 18 2.99 -10.12 18.57
N THR A 19 2.39 -11.27 18.88
CA THR A 19 1.76 -12.11 17.86
C THR A 19 0.37 -12.61 18.29
N ALA A 20 -0.46 -12.95 17.31
CA ALA A 20 -1.79 -13.46 17.57
C ALA A 20 -2.21 -14.39 16.44
N VAL A 21 -2.96 -15.43 16.80
CA VAL A 21 -3.54 -16.35 15.82
C VAL A 21 -4.98 -16.64 16.24
N PRO A 22 -5.84 -16.95 15.27
CA PRO A 22 -7.19 -17.40 15.59
C PRO A 22 -7.13 -18.62 16.53
N PRO A 23 -8.13 -18.80 17.38
CA PRO A 23 -8.07 -19.85 18.41
C PRO A 23 -8.14 -21.30 17.89
N LYS A 24 -8.87 -21.53 16.82
CA LYS A 24 -9.12 -22.90 16.37
C LYS A 24 -7.90 -23.46 15.65
N GLU A 25 -7.46 -24.62 16.13
CA GLU A 25 -6.30 -25.31 15.61
C GLU A 25 -6.72 -26.43 14.71
N PHE A 26 -6.02 -26.55 13.60
CA PHE A 26 -6.24 -27.63 12.67
C PHE A 26 -4.94 -28.42 12.49
N ASP A 27 -4.93 -29.65 13.00
CA ASP A 27 -3.76 -30.52 12.91
C ASP A 27 -3.52 -30.87 11.45
N GLN A 28 -2.26 -30.78 11.02
CA GLN A 28 -1.91 -30.99 9.62
C GLN A 28 -2.13 -32.43 9.18
N SER A 29 -1.96 -33.37 10.11
CA SER A 29 -2.08 -34.79 9.78
C SER A 29 -3.49 -35.12 9.29
N THR A 30 -4.49 -34.43 9.83
CA THR A 30 -5.89 -34.70 9.46
C THR A 30 -6.53 -33.59 8.63
N TYR A 31 -5.75 -32.58 8.26
CA TYR A 31 -6.33 -31.48 7.48
C TYR A 31 -6.90 -31.97 6.12
N PRO A 32 -6.22 -32.92 5.45
CA PRO A 32 -6.81 -33.36 4.18
C PRO A 32 -8.23 -33.91 4.33
N ASP A 33 -8.52 -34.61 5.42
CA ASP A 33 -9.88 -35.09 5.66
C ASP A 33 -10.88 -33.94 5.80
N PHE A 34 -10.53 -32.94 6.62
CA PHE A 34 -11.39 -31.80 6.81
C PHE A 34 -11.62 -31.06 5.49
N TYR A 35 -10.53 -30.84 4.75
CA TYR A 35 -10.55 -30.01 3.55
C TYR A 35 -11.39 -30.63 2.44
N PHE A 36 -11.17 -31.91 2.18
CA PHE A 36 -11.88 -32.57 1.09
C PHE A 36 -13.34 -32.82 1.46
N ASN A 37 -13.60 -32.97 2.76
CA ASN A 37 -14.97 -33.10 3.28
C ASN A 37 -15.80 -31.83 3.09
N VAL A 38 -15.25 -30.69 3.52
CA VAL A 38 -16.03 -29.45 3.54
C VAL A 38 -16.20 -28.92 2.12
N THR A 39 -15.32 -29.33 1.19
CA THR A 39 -15.43 -28.86 -0.18
C THR A 39 -16.15 -29.87 -1.04
N ASN A 40 -16.63 -30.94 -0.42
CA ASN A 40 -17.41 -31.96 -1.12
C ASN A 40 -16.62 -32.59 -2.25
N CYS A 41 -15.36 -32.90 -1.97
CA CYS A 41 -14.45 -33.47 -2.96
C CYS A 41 -13.93 -34.86 -2.55
N ASN A 42 -14.69 -35.56 -1.71
CA ASN A 42 -14.28 -36.90 -1.26
C ASN A 42 -14.15 -37.91 -2.38
N ASP A 43 -14.79 -37.64 -3.53
CA ASP A 43 -14.73 -38.55 -4.66
C ASP A 43 -13.38 -38.49 -5.38
N LYS A 44 -12.64 -37.42 -5.12
CA LYS A 44 -11.37 -37.19 -5.80
C LYS A 44 -10.26 -37.88 -5.02
N VAL A 45 -10.24 -39.21 -5.04
CA VAL A 45 -9.37 -39.97 -4.17
C VAL A 45 -7.90 -39.81 -4.52
N GLU A 46 -7.56 -39.79 -5.81
CA GLU A 46 -6.14 -39.62 -6.17
C GLU A 46 -5.64 -38.22 -5.81
N LEU A 47 -6.50 -37.21 -5.99
CA LEU A 47 -6.15 -35.85 -5.64
C LEU A 47 -5.93 -35.72 -4.15
N LYS A 48 -6.81 -36.34 -3.37
CA LYS A 48 -6.69 -36.32 -1.92
C LYS A 48 -5.37 -36.95 -1.48
N GLY A 49 -4.99 -38.03 -2.14
CA GLY A 49 -3.74 -38.70 -1.83
C GLY A 49 -2.57 -37.78 -2.11
N LYS A 50 -2.63 -37.07 -3.24
CA LYS A 50 -1.58 -36.11 -3.55
C LYS A 50 -1.50 -35.05 -2.47
N PHE A 51 -2.66 -34.56 -2.07
CA PHE A 51 -2.70 -33.52 -1.06
C PHE A 51 -2.19 -34.00 0.29
N GLN A 52 -2.52 -35.23 0.66
CA GLN A 52 -2.04 -35.78 1.93
C GLN A 52 -0.52 -35.83 1.92
N ARG A 53 0.06 -36.21 0.80
CA ARG A 53 1.51 -36.29 0.69
C ARG A 53 2.16 -34.92 0.81
N ILE A 54 1.58 -33.92 0.15
CA ILE A 54 2.05 -32.55 0.27
C ILE A 54 1.99 -32.09 1.73
N CYS A 55 0.87 -32.34 2.41
CA CYS A 55 0.74 -31.97 3.84
C CYS A 55 1.77 -32.70 4.70
N ASP A 56 1.98 -33.98 4.40
CA ASP A 56 2.91 -34.79 5.19
C ASP A 56 4.37 -34.28 5.08
N ARG A 57 4.75 -33.63 3.98
CA ARG A 57 6.14 -33.18 3.88
C ARG A 57 6.24 -31.67 4.04
N SER A 58 5.16 -31.04 4.50
CA SER A 58 5.10 -29.57 4.62
C SER A 58 5.92 -29.00 5.77
N GLY A 59 6.32 -29.82 6.71
CA GLY A 59 7.00 -29.34 7.90
C GLY A 59 6.09 -28.63 8.90
N ILE A 60 4.77 -28.71 8.68
CA ILE A 60 3.75 -28.06 9.51
C ILE A 60 3.08 -29.09 10.43
N LYS A 61 2.93 -28.78 11.71
CA LYS A 61 2.21 -29.67 12.63
C LYS A 61 0.76 -29.22 12.75
N LYS A 62 0.54 -27.91 12.74
CA LYS A 62 -0.81 -27.38 12.83
C LYS A 62 -0.83 -25.97 12.25
N ARG A 63 -2.03 -25.55 11.90
CA ARG A 63 -2.29 -24.15 11.54
C ARG A 63 -3.52 -23.69 12.29
N HIS A 64 -3.65 -22.38 12.40
CA HIS A 64 -4.81 -21.75 13.03
C HIS A 64 -5.63 -21.02 11.98
N PHE A 65 -6.96 -21.20 12.06
CA PHE A 65 -7.87 -20.65 11.09
C PHE A 65 -9.10 -20.03 11.73
N TYR A 66 -9.49 -18.88 11.20
CA TYR A 66 -10.79 -18.29 11.46
C TYR A 66 -11.87 -19.13 10.80
N LEU A 67 -11.62 -19.52 9.56
CA LEU A 67 -12.58 -20.39 8.86
C LEU A 67 -12.77 -21.72 9.57
N ASP A 68 -14.03 -22.17 9.62
CA ASP A 68 -14.35 -23.50 10.12
C ASP A 68 -15.53 -24.08 9.34
N GLU A 69 -15.96 -25.28 9.72
CA GLU A 69 -17.06 -25.94 9.02
C GLU A 69 -18.33 -25.10 8.98
N GLU A 70 -18.68 -24.45 10.08
CA GLU A 70 -19.95 -23.70 10.15
C GLU A 70 -19.92 -22.49 9.21
N ILE A 71 -18.81 -21.76 9.22
CA ILE A 71 -18.69 -20.59 8.39
C ILE A 71 -18.69 -20.99 6.91
N LEU A 72 -18.01 -22.08 6.58
CA LEU A 72 -17.96 -22.51 5.18
C LEU A 72 -19.33 -23.07 4.72
N LYS A 73 -20.06 -23.72 5.61
CA LYS A 73 -21.38 -24.20 5.23
C LYS A 73 -22.34 -23.03 5.00
N ALA A 74 -22.19 -21.97 5.77
CA ALA A 74 -23.02 -20.77 5.62
C ALA A 74 -22.66 -19.95 4.36
N ASN A 75 -21.50 -20.24 3.78
CA ASN A 75 -21.00 -19.52 2.61
C ASN A 75 -20.51 -20.46 1.53
N PRO A 76 -21.43 -21.21 0.90
CA PRO A 76 -21.05 -22.32 0.01
C PRO A 76 -20.25 -21.89 -1.21
N GLY A 77 -20.26 -20.62 -1.59
CA GLY A 77 -19.44 -20.15 -2.69
C GLY A 77 -17.96 -20.40 -2.41
N MET A 78 -17.59 -20.34 -1.15
CA MET A 78 -16.22 -20.53 -0.75
C MET A 78 -15.78 -21.98 -0.83
N CYS A 79 -16.75 -22.90 -0.94
CA CYS A 79 -16.46 -24.33 -1.00
C CYS A 79 -16.41 -24.85 -2.41
N THR A 80 -16.63 -23.96 -3.36
CA THR A 80 -16.51 -24.29 -4.77
C THR A 80 -15.09 -24.03 -5.22
N TYR A 81 -14.74 -24.50 -6.40
CA TYR A 81 -13.44 -24.19 -6.96
C TYR A 81 -13.32 -22.75 -7.45
N MET A 82 -14.23 -22.30 -8.31
CA MET A 82 -14.15 -20.93 -8.84
C MET A 82 -15.50 -20.24 -8.92
N GLY A 83 -16.42 -20.64 -8.05
CA GLY A 83 -17.72 -19.98 -7.98
C GLY A 83 -17.56 -18.58 -7.40
N ALA A 84 -18.52 -17.72 -7.72
CA ALA A 84 -18.55 -16.34 -7.22
C ALA A 84 -18.53 -16.36 -5.71
N SER A 85 -17.63 -15.59 -5.12
CA SER A 85 -17.40 -15.71 -3.68
C SER A 85 -16.70 -14.52 -3.08
N LEU A 86 -16.32 -13.53 -3.89
CA LEU A 86 -15.52 -12.43 -3.36
C LEU A 86 -16.25 -11.64 -2.27
N ASP A 87 -17.55 -11.44 -2.42
CA ASP A 87 -18.28 -10.58 -1.49
C ASP A 87 -18.24 -11.18 -0.08
N VAL A 88 -18.50 -12.47 0.07
CA VAL A 88 -18.42 -13.06 1.40
C VAL A 88 -16.98 -13.17 1.93
N ARG A 89 -15.99 -13.36 1.05
CA ARG A 89 -14.61 -13.37 1.48
C ARG A 89 -14.20 -12.00 2.03
N GLN A 90 -14.62 -10.95 1.34
CA GLN A 90 -14.35 -9.61 1.79
C GLN A 90 -15.06 -9.33 3.11
N ASN A 91 -16.31 -9.77 3.23
CA ASN A 91 -17.05 -9.52 4.46
C ASN A 91 -16.23 -10.03 5.66
N ILE A 92 -15.72 -11.24 5.51
CA ILE A 92 -14.91 -11.84 6.58
C ILE A 92 -13.59 -11.10 6.75
N ALA A 93 -12.82 -10.94 5.67
CA ALA A 93 -11.46 -10.44 5.82
C ALA A 93 -11.43 -8.98 6.30
N VAL A 94 -12.34 -8.16 5.80
CA VAL A 94 -12.34 -6.74 6.19
C VAL A 94 -12.62 -6.59 7.68
N ARG A 95 -13.39 -7.51 8.23
CA ARG A 95 -13.68 -7.49 9.66
C ARG A 95 -12.57 -8.13 10.49
N GLU A 96 -12.14 -9.32 10.09
CA GLU A 96 -11.27 -10.10 10.95
C GLU A 96 -9.78 -9.71 10.90
N VAL A 97 -9.28 -9.18 9.78
CA VAL A 97 -7.88 -8.80 9.68
C VAL A 97 -7.50 -7.71 10.71
N PRO A 98 -8.26 -6.61 10.81
CA PRO A 98 -7.88 -5.65 11.87
C PRO A 98 -8.07 -6.16 13.29
N LYS A 99 -9.05 -7.01 13.52
CA LYS A 99 -9.28 -7.54 14.86
C LYS A 99 -8.09 -8.41 15.30
N LEU A 100 -7.57 -9.23 14.41
CA LEU A 100 -6.43 -10.09 14.76
C LEU A 100 -5.17 -9.23 14.95
N ALA A 101 -5.01 -8.20 14.12
CA ALA A 101 -3.93 -7.22 14.27
C ALA A 101 -4.00 -6.53 15.64
N LYS A 102 -5.20 -6.18 16.07
CA LYS A 102 -5.36 -5.51 17.38
C LYS A 102 -4.79 -6.37 18.48
N GLU A 103 -5.09 -7.66 18.48
CA GLU A 103 -4.63 -8.56 19.54
C GLU A 103 -3.07 -8.59 19.57
N ALA A 104 -2.43 -8.71 18.41
CA ALA A 104 -0.96 -8.66 18.29
C ALA A 104 -0.41 -7.32 18.73
N ALA A 105 -1.04 -6.24 18.28
CA ALA A 105 -0.62 -4.89 18.64
C ALA A 105 -0.66 -4.67 20.15
N LEU A 106 -1.73 -5.10 20.81
CA LEU A 106 -1.82 -4.90 22.27
C LEU A 106 -0.66 -5.61 22.95
N LYS A 107 -0.26 -6.78 22.47
CA LYS A 107 0.83 -7.52 23.10
C LYS A 107 2.13 -6.79 22.91
N ALA A 108 2.35 -6.22 21.70
CA ALA A 108 3.56 -5.43 21.45
C ALA A 108 3.61 -4.20 22.33
N ILE A 109 2.46 -3.55 22.48
CA ILE A 109 2.36 -2.30 23.23
C ILE A 109 2.59 -2.61 24.71
N LYS A 110 2.09 -3.73 25.18
CA LYS A 110 2.40 -4.10 26.57
C LYS A 110 3.90 -4.25 26.80
N GLU A 111 4.56 -4.99 25.91
CA GLU A 111 5.99 -5.26 26.08
C GLU A 111 6.75 -3.95 26.08
N TRP A 112 6.39 -3.09 25.14
CA TRP A 112 7.01 -1.76 24.98
C TRP A 112 6.87 -0.96 26.27
N GLY A 113 5.68 -0.94 26.83
CA GLY A 113 5.50 -0.41 28.16
C GLY A 113 5.20 1.08 28.23
N GLN A 114 5.11 1.71 27.06
CA GLN A 114 4.82 3.14 26.96
C GLN A 114 3.37 3.37 26.63
N PRO A 115 2.83 4.56 26.91
CA PRO A 115 1.45 4.84 26.57
C PRO A 115 1.23 4.88 25.07
N LYS A 116 0.07 4.44 24.62
CA LYS A 116 -0.12 4.33 23.18
C LYS A 116 -0.21 5.71 22.51
N SER A 117 -0.39 6.77 23.29
CA SER A 117 -0.34 8.14 22.78
C SER A 117 1.05 8.49 22.21
N LYS A 118 2.08 7.72 22.55
CA LYS A 118 3.42 7.97 22.02
C LYS A 118 3.65 7.33 20.65
N ILE A 119 2.72 6.55 20.15
CA ILE A 119 2.83 6.02 18.79
C ILE A 119 2.54 7.16 17.79
N THR A 120 3.44 7.35 16.82
CA THR A 120 3.39 8.47 15.90
C THR A 120 3.09 8.02 14.47
N HIS A 121 3.38 6.74 14.21
CA HIS A 121 3.24 6.18 12.87
C HIS A 121 2.69 4.76 12.97
N LEU A 122 1.93 4.34 11.95
N LEU A 122 1.96 4.33 11.93
CA LEU A 122 1.38 3.00 11.86
CA LEU A 122 1.38 3.01 11.85
C LEU A 122 1.56 2.49 10.44
C LEU A 122 1.59 2.51 10.43
N VAL A 123 2.24 1.35 10.29
CA VAL A 123 2.41 0.70 8.98
C VAL A 123 1.69 -0.65 9.07
N PHE A 124 0.73 -0.86 8.16
CA PHE A 124 -0.10 -2.08 8.18
C PHE A 124 0.07 -2.82 6.87
N GLY A 125 0.41 -4.10 6.94
CA GLY A 125 0.50 -4.93 5.76
C GLY A 125 -0.48 -6.09 5.77
N THR A 126 -1.09 -6.35 4.61
CA THR A 126 -1.95 -7.53 4.48
C THR A 126 -2.07 -7.91 3.02
N THR A 127 -2.50 -9.15 2.78
CA THR A 127 -2.83 -9.64 1.46
C THR A 127 -4.28 -10.14 1.50
N SER A 128 -4.95 -9.91 2.61
CA SER A 128 -6.25 -10.55 2.90
C SER A 128 -7.35 -9.50 2.87
N GLY A 129 -7.84 -9.19 1.69
CA GLY A 129 -8.95 -8.26 1.53
C GLY A 129 -8.50 -6.82 1.38
N VAL A 130 -9.40 -5.97 0.89
CA VAL A 130 -9.14 -4.53 0.80
C VAL A 130 -10.43 -3.78 1.11
N ASP A 131 -10.28 -2.58 1.66
CA ASP A 131 -11.42 -1.76 2.03
C ASP A 131 -10.97 -0.30 2.10
N MET A 132 -11.96 0.57 2.08
CA MET A 132 -11.74 2.01 2.24
C MET A 132 -12.77 2.58 3.20
N PRO A 133 -12.32 3.21 4.30
CA PRO A 133 -10.94 3.28 4.80
C PRO A 133 -10.34 1.92 5.05
N GLY A 134 -9.02 1.87 5.09
CA GLY A 134 -8.31 0.60 5.16
C GLY A 134 -8.21 0.02 6.56
N ALA A 135 -7.62 -1.16 6.64
CA ALA A 135 -7.35 -1.82 7.90
C ALA A 135 -6.52 -0.99 8.85
N ASP A 136 -5.68 -0.10 8.29
CA ASP A 136 -4.84 0.76 9.12
C ASP A 136 -5.69 1.72 9.92
N PHE A 137 -6.67 2.29 9.28
CA PHE A 137 -7.66 3.14 9.93
C PHE A 137 -8.43 2.35 10.98
N GLN A 138 -8.84 1.12 10.65
CA GLN A 138 -9.61 0.32 11.60
C GLN A 138 -8.79 0.01 12.86
N LEU A 139 -7.49 -0.24 12.67
CA LEU A 139 -6.61 -0.54 13.78
C LEU A 139 -6.40 0.72 14.63
N LEU A 140 -6.20 1.85 13.98
CA LEU A 140 -6.08 3.12 14.68
C LEU A 140 -7.30 3.33 15.60
N LYS A 141 -8.49 3.09 15.07
CA LYS A 141 -9.72 3.27 15.84
C LYS A 141 -9.83 2.24 16.98
N LEU A 142 -9.57 0.98 16.66
CA LEU A 142 -9.71 -0.09 17.64
C LEU A 142 -8.79 0.11 18.83
N LEU A 143 -7.58 0.61 18.55
CA LEU A 143 -6.57 0.84 19.60
C LEU A 143 -6.70 2.18 20.31
N GLY A 144 -7.50 3.07 19.75
CA GLY A 144 -7.67 4.40 20.33
C GLY A 144 -6.39 5.22 20.21
N LEU A 145 -5.67 5.05 19.11
CA LEU A 145 -4.49 5.85 18.87
C LEU A 145 -4.86 7.31 18.57
N ARG A 146 -3.87 8.20 18.60
CA ARG A 146 -4.15 9.58 18.27
C ARG A 146 -4.60 9.71 16.82
N PRO A 147 -5.52 10.63 16.57
CA PRO A 147 -6.05 10.78 15.19
C PRO A 147 -5.00 11.24 14.17
N ASN A 148 -3.90 11.82 14.62
CA ASN A 148 -2.87 12.32 13.74
C ASN A 148 -1.66 11.39 13.61
N VAL A 149 -1.85 10.12 13.96
CA VAL A 149 -0.88 9.09 13.62
C VAL A 149 -0.77 9.00 12.10
N LYS A 150 0.45 9.00 11.61
CA LYS A 150 0.73 8.88 10.19
C LYS A 150 0.76 7.42 9.78
N ARG A 151 -0.13 7.09 8.84
CA ARG A 151 -0.35 5.72 8.42
C ARG A 151 0.15 5.42 7.04
N ILE A 152 0.69 4.23 6.88
CA ILE A 152 0.97 3.66 5.58
C ILE A 152 0.28 2.28 5.52
N MET A 153 -0.64 2.21 4.56
CA MET A 153 -1.45 1.03 4.34
C MET A 153 -0.96 0.27 3.11
N LEU A 154 -0.37 -0.90 3.36
CA LEU A 154 0.14 -1.77 2.32
C LEU A 154 -0.77 -2.98 2.10
N TYR A 155 -1.57 -2.89 1.04
CA TYR A 155 -2.51 -3.94 0.65
C TYR A 155 -1.95 -4.80 -0.47
N GLN A 156 -2.43 -6.03 -0.49
CA GLN A 156 -2.21 -6.97 -1.57
C GLN A 156 -0.74 -7.25 -1.86
N GLN A 157 0.00 -7.34 -0.77
CA GLN A 157 1.43 -7.30 -0.82
C GLN A 157 2.05 -8.66 -1.03
N GLY A 158 1.46 -9.67 -0.40
CA GLY A 158 2.02 -11.00 -0.44
C GLY A 158 3.03 -11.28 0.65
N CSO A 159 3.77 -12.36 0.48
CA CSO A 159 4.56 -12.93 1.55
CB CSO A 159 5.05 -14.31 1.17
SG CSO A 159 3.68 -15.50 1.19
C CSO A 159 5.76 -12.10 1.93
O CSO A 159 6.49 -12.42 2.85
OD CSO A 159 4.39 -17.10 0.81
H CSO A 159 3.81 -12.79 -0.26
HA CSO A 159 4.00 -13.02 2.35
HB2 CSO A 159 5.72 -14.60 1.80
HB3 CSO A 159 5.43 -14.28 0.27
HD CSO A 159 4.81 -17.08 -0.07
N SER A 160 6.19 -11.17 1.09
CA SER A 160 7.37 -10.39 1.42
C SER A 160 7.05 -9.21 2.33
N ALA A 161 5.78 -8.97 2.63
CA ALA A 161 5.42 -7.69 3.25
C ALA A 161 5.83 -7.55 4.70
N GLY A 162 6.10 -8.66 5.40
CA GLY A 162 6.63 -8.59 6.77
C GLY A 162 7.96 -7.85 6.76
N ALA A 163 8.78 -8.21 5.78
CA ALA A 163 10.05 -7.53 5.59
C ALA A 163 9.80 -6.12 5.05
N THR A 164 8.82 -5.96 4.15
CA THR A 164 8.56 -4.62 3.57
C THR A 164 8.17 -3.62 4.66
N VAL A 165 7.27 -3.99 5.55
CA VAL A 165 6.82 -3.05 6.57
C VAL A 165 7.98 -2.66 7.49
N THR A 166 8.91 -3.57 7.71
CA THR A 166 10.10 -3.27 8.52
C THR A 166 10.99 -2.26 7.78
N ARG A 167 11.18 -2.46 6.47
CA ARG A 167 11.94 -1.52 5.66
C ARG A 167 11.30 -0.14 5.70
N VAL A 168 9.99 -0.09 5.56
CA VAL A 168 9.29 1.19 5.58
C VAL A 168 9.47 1.86 6.95
N ALA A 169 9.29 1.10 8.01
CA ALA A 169 9.40 1.66 9.36
C ALA A 169 10.79 2.20 9.65
N LYS A 170 11.82 1.56 9.10
CA LYS A 170 13.20 2.00 9.32
C LYS A 170 13.36 3.47 8.91
N ASP A 171 12.93 3.83 7.71
CA ASP A 171 13.08 5.21 7.29
C ASP A 171 12.17 6.15 8.10
N LEU A 172 10.97 5.74 8.47
CA LEU A 172 10.11 6.55 9.31
C LEU A 172 10.81 6.86 10.63
N ALA A 173 11.36 5.82 11.26
CA ALA A 173 11.94 5.98 12.59
C ALA A 173 13.20 6.84 12.56
N GLU A 174 14.02 6.63 11.53
CA GLU A 174 15.32 7.28 11.45
C GLU A 174 15.23 8.74 11.03
N ASN A 175 14.23 9.10 10.25
CA ASN A 175 14.10 10.47 9.72
C ASN A 175 13.24 11.38 10.57
N ASN A 176 12.62 10.86 11.61
CA ASN A 176 11.71 11.65 12.44
C ASN A 176 12.06 11.50 13.91
N PRO A 177 12.73 12.51 14.50
CA PRO A 177 13.10 12.42 15.92
C PRO A 177 11.90 12.15 16.82
N GLY A 178 12.03 11.12 17.65
CA GLY A 178 11.00 10.82 18.61
C GLY A 178 9.97 9.85 18.08
N ALA A 179 10.04 9.52 16.79
CA ALA A 179 9.00 8.69 16.21
C ALA A 179 9.03 7.29 16.79
N ARG A 180 7.83 6.77 17.00
CA ARG A 180 7.64 5.40 17.42
C ARG A 180 6.60 4.79 16.50
N VAL A 181 7.02 3.75 15.77
CA VAL A 181 6.24 3.19 14.67
C VAL A 181 5.62 1.89 15.12
N LEU A 182 4.29 1.81 15.05
CA LEU A 182 3.60 0.53 15.21
C LEU A 182 3.51 -0.12 13.85
N VAL A 183 4.08 -1.31 13.74
CA VAL A 183 4.04 -2.08 12.50
C VAL A 183 3.12 -3.27 12.76
N ALA A 184 2.21 -3.54 11.83
CA ALA A 184 1.32 -4.71 11.97
C ALA A 184 1.08 -5.40 10.63
N CYS A 185 1.22 -6.72 10.63
CA CYS A 185 0.83 -7.53 9.48
C CYS A 185 -0.19 -8.55 9.94
N SER A 186 -1.23 -8.75 9.14
CA SER A 186 -2.33 -9.61 9.57
C SER A 186 -2.90 -10.29 8.35
N GLU A 187 -3.05 -11.62 8.44
CA GLU A 187 -3.47 -12.42 7.30
C GLU A 187 -4.51 -13.43 7.74
N VAL A 188 -5.56 -13.53 6.94
CA VAL A 188 -6.64 -14.48 7.16
C VAL A 188 -6.99 -15.12 5.82
N THR A 189 -7.01 -16.45 5.78
CA THR A 189 -7.09 -17.18 4.51
C THR A 189 -8.47 -17.22 3.91
N ALA A 190 -9.38 -16.40 4.43
CA ALA A 190 -10.72 -16.31 3.83
C ALA A 190 -10.69 -15.94 2.35
N VAL A 191 -9.71 -15.16 1.90
CA VAL A 191 -9.74 -14.73 0.50
C VAL A 191 -9.11 -15.76 -0.43
N THR A 192 -8.34 -16.72 0.09
CA THR A 192 -7.70 -17.73 -0.76
C THR A 192 -8.26 -19.16 -0.68
N PHE A 193 -8.97 -19.50 0.39
CA PHE A 193 -9.50 -20.85 0.54
C PHE A 193 -10.44 -21.23 -0.62
N ARG A 194 -10.30 -22.43 -1.18
CA ARG A 194 -11.22 -22.87 -2.23
C ARG A 194 -11.08 -24.36 -2.38
N ALA A 195 -12.01 -24.95 -3.12
CA ALA A 195 -11.99 -26.38 -3.33
C ALA A 195 -10.74 -26.79 -4.11
N PRO A 196 -10.24 -28.00 -3.85
CA PRO A 196 -9.13 -28.55 -4.61
C PRO A 196 -9.55 -28.95 -6.00
N SER A 197 -8.65 -28.85 -6.97
CA SER A 197 -8.97 -29.24 -8.34
C SER A 197 -7.79 -29.86 -9.06
N GLU A 198 -8.08 -30.93 -9.81
CA GLU A 198 -7.07 -31.58 -10.64
C GLU A 198 -6.54 -30.63 -11.70
N THR A 199 -7.26 -29.55 -11.96
CA THR A 199 -6.86 -28.56 -12.96
C THR A 199 -6.09 -27.39 -12.35
N HIS A 200 -5.83 -27.45 -11.06
CA HIS A 200 -5.13 -26.36 -10.37
C HIS A 200 -4.22 -26.99 -9.33
N LEU A 201 -3.30 -27.83 -9.77
CA LEU A 201 -2.47 -28.57 -8.82
C LEU A 201 -1.59 -27.64 -8.00
N ASP A 202 -1.20 -26.50 -8.55
CA ASP A 202 -0.36 -25.58 -7.78
C ASP A 202 -1.16 -24.98 -6.61
N GLY A 203 -2.49 -25.03 -6.70
CA GLY A 203 -3.33 -24.52 -5.62
C GLY A 203 -3.24 -25.38 -4.37
N LEU A 204 -2.86 -26.64 -4.55
CA LEU A 204 -2.69 -27.56 -3.43
C LEU A 204 -1.58 -27.11 -2.49
N VAL A 205 -0.57 -26.45 -3.05
CA VAL A 205 0.54 -25.92 -2.27
C VAL A 205 0.04 -24.90 -1.24
N GLY A 206 -0.64 -23.86 -1.70
CA GLY A 206 -1.22 -22.87 -0.81
C GLY A 206 -2.17 -23.50 0.20
N ALA A 207 -2.95 -24.46 -0.27
CA ALA A 207 -3.93 -25.09 0.60
C ALA A 207 -3.27 -25.90 1.72
N ALA A 208 -2.06 -26.41 1.47
CA ALA A 208 -1.28 -27.13 2.47
C ALA A 208 -0.48 -26.22 3.38
N LEU A 209 -0.10 -25.05 2.90
CA LEU A 209 0.85 -24.24 3.66
C LEU A 209 0.23 -23.04 4.35
N PHE A 210 -0.75 -22.38 3.73
CA PHE A 210 -1.20 -21.07 4.26
C PHE A 210 -2.04 -21.21 5.53
N GLY A 211 -1.67 -20.42 6.54
CA GLY A 211 -2.43 -20.30 7.78
C GLY A 211 -2.72 -18.87 8.15
N ASP A 212 -3.44 -18.65 9.25
CA ASP A 212 -3.83 -17.30 9.67
C ASP A 212 -2.91 -16.80 10.79
N GLY A 213 -2.62 -15.51 10.84
CA GLY A 213 -1.90 -14.97 11.98
C GLY A 213 -1.66 -13.49 11.84
N ALA A 214 -1.33 -12.84 12.95
CA ALA A 214 -0.94 -11.42 12.90
C ALA A 214 0.25 -11.19 13.80
N ALA A 215 1.11 -10.24 13.44
CA ALA A 215 2.25 -9.87 14.26
C ALA A 215 2.42 -8.36 14.23
N ALA A 216 2.91 -7.81 15.34
CA ALA A 216 3.09 -6.40 15.51
C ALA A 216 4.46 -6.11 16.14
N LEU A 217 5.09 -5.01 15.70
CA LEU A 217 6.31 -4.50 16.30
C LEU A 217 6.14 -3.06 16.71
N ILE A 218 6.94 -2.65 17.69
CA ILE A 218 7.24 -1.24 17.90
C ILE A 218 8.68 -1.03 17.44
N ILE A 219 8.85 -0.06 16.54
CA ILE A 219 10.16 0.34 16.04
C ILE A 219 10.42 1.83 16.32
N GLY A 220 11.63 2.12 16.81
CA GLY A 220 12.03 3.49 17.01
C GLY A 220 13.54 3.62 17.00
N SER A 221 14.01 4.83 16.72
CA SER A 221 15.44 5.15 16.90
C SER A 221 15.65 5.77 18.27
N ASN A 222 16.90 5.75 18.73
CA ASN A 222 17.30 6.37 19.99
C ASN A 222 16.42 5.93 21.18
N PRO A 223 16.50 4.64 21.50
CA PRO A 223 15.71 4.12 22.62
C PRO A 223 16.01 4.89 23.88
N THR A 224 14.97 5.10 24.69
CA THR A 224 15.10 5.73 25.99
C THR A 224 15.53 4.71 27.04
N PRO A 225 15.94 5.17 28.23
CA PRO A 225 16.40 4.21 29.23
C PRO A 225 15.34 3.20 29.69
N VAL A 226 14.05 3.49 29.46
CA VAL A 226 13.01 2.58 29.92
C VAL A 226 12.51 1.67 28.80
N GLU A 227 13.04 1.86 27.60
CA GLU A 227 12.76 0.94 26.49
C GLU A 227 13.80 -0.18 26.47
N LYS A 228 13.50 -1.28 25.80
CA LYS A 228 14.40 -2.45 25.81
C LYS A 228 14.60 -2.98 24.39
N PRO A 229 15.69 -2.57 23.74
CA PRO A 229 15.95 -2.96 22.35
C PRO A 229 16.08 -4.47 22.20
N LEU A 230 15.57 -5.01 21.09
CA LEU A 230 15.68 -6.43 20.78
C LEU A 230 16.60 -6.67 19.58
N PHE A 231 16.45 -5.85 18.53
CA PHE A 231 17.25 -5.93 17.31
C PHE A 231 17.38 -4.53 16.72
N GLU A 232 18.47 -4.28 16.01
CA GLU A 232 18.66 -3.05 15.22
C GLU A 232 18.61 -3.38 13.74
N VAL A 233 18.03 -2.50 12.93
CA VAL A 233 17.98 -2.71 11.49
C VAL A 233 19.04 -1.82 10.86
N HIS A 234 20.06 -2.43 10.27
CA HIS A 234 21.23 -1.68 9.78
C HIS A 234 21.25 -1.42 8.28
N TRP A 235 20.55 -2.24 7.52
CA TRP A 235 20.60 -2.18 6.05
C TRP A 235 19.36 -2.83 5.50
N SER A 236 18.85 -2.33 4.39
N SER A 236 18.83 -2.30 4.41
CA SER A 236 17.61 -2.83 3.82
CA SER A 236 17.65 -2.88 3.80
C SER A 236 17.65 -2.70 2.30
C SER A 236 17.74 -2.75 2.30
N GLY A 237 17.23 -3.75 1.62
CA GLY A 237 17.16 -3.74 0.17
C GLY A 237 16.00 -4.57 -0.34
N GLN A 238 15.71 -4.40 -1.63
CA GLN A 238 14.65 -5.14 -2.30
C GLN A 238 15.12 -5.36 -3.71
N CYS A 239 14.86 -6.52 -4.28
CA CYS A 239 15.28 -6.75 -5.66
CA CYS A 239 15.31 -6.77 -5.63
C CYS A 239 14.45 -7.82 -6.32
N VAL A 240 14.33 -7.69 -7.64
CA VAL A 240 13.67 -8.65 -8.46
C VAL A 240 14.76 -9.60 -8.94
N LEU A 241 14.55 -10.91 -8.77
CA LEU A 241 15.60 -11.84 -9.15
C LEU A 241 15.56 -12.12 -10.64
N PRO A 242 16.73 -12.43 -11.22
CA PRO A 242 16.75 -12.67 -12.66
C PRO A 242 16.08 -13.99 -13.02
N ASP A 243 15.60 -14.08 -14.26
CA ASP A 243 14.95 -15.28 -14.78
C ASP A 243 13.81 -15.81 -13.88
N SER A 244 13.00 -14.90 -13.34
CA SER A 244 11.93 -15.32 -12.43
C SER A 244 10.56 -14.79 -12.82
N ASP A 245 10.44 -14.25 -14.02
CA ASP A 245 9.20 -13.63 -14.41
C ASP A 245 8.05 -14.64 -14.37
N GLY A 246 6.97 -14.25 -13.71
CA GLY A 246 5.80 -15.09 -13.58
C GLY A 246 5.92 -16.26 -12.62
N ALA A 247 6.93 -16.24 -11.74
CA ALA A 247 7.09 -17.32 -10.78
C ALA A 247 5.86 -17.48 -9.89
N ILE A 248 5.37 -16.34 -9.41
CA ILE A 248 4.17 -16.25 -8.56
C ILE A 248 3.26 -15.13 -9.08
N LEU A 249 2.05 -15.49 -9.50
CA LEU A 249 1.02 -14.54 -9.90
C LEU A 249 -0.14 -14.68 -8.93
N GLY A 250 -0.71 -13.57 -8.50
CA GLY A 250 -1.86 -13.57 -7.60
C GLY A 250 -2.93 -12.67 -8.16
N HIS A 251 -4.07 -13.21 -8.57
CA HIS A 251 -5.10 -12.42 -9.23
C HIS A 251 -6.33 -12.35 -8.33
N LEU A 252 -6.82 -11.15 -8.08
CA LEU A 252 -8.04 -10.96 -7.28
C LEU A 252 -9.22 -10.89 -8.23
N ARG A 253 -10.09 -11.89 -8.12
CA ARG A 253 -11.18 -12.10 -9.03
C ARG A 253 -12.51 -12.23 -8.29
N GLU A 254 -13.59 -12.42 -9.04
CA GLU A 254 -14.91 -12.64 -8.44
C GLU A 254 -14.91 -13.92 -7.59
N ALA A 255 -13.96 -14.80 -7.84
CA ALA A 255 -13.81 -16.03 -7.07
C ALA A 255 -12.84 -15.90 -5.91
N GLY A 256 -12.39 -14.69 -5.60
CA GLY A 256 -11.41 -14.48 -4.55
C GLY A 256 -10.00 -14.40 -5.12
N LEU A 257 -9.01 -14.62 -4.26
CA LEU A 257 -7.60 -14.50 -4.65
C LEU A 257 -7.11 -15.85 -5.11
N VAL A 258 -6.60 -15.89 -6.33
CA VAL A 258 -6.15 -17.13 -6.94
C VAL A 258 -4.66 -17.01 -7.24
N PHE A 259 -3.86 -17.99 -6.80
CA PHE A 259 -2.41 -17.98 -7.09
C PHE A 259 -2.03 -18.96 -8.19
N HIS A 260 -1.02 -18.58 -8.98
CA HIS A 260 -0.47 -19.42 -10.03
C HIS A 260 1.04 -19.47 -9.85
N LEU A 261 1.57 -20.67 -9.81
CA LEU A 261 3.00 -20.87 -9.55
C LEU A 261 3.61 -21.49 -10.78
N LEU A 262 4.50 -20.79 -11.44
CA LEU A 262 4.97 -21.23 -12.75
C LEU A 262 6.46 -21.47 -12.81
N LYS A 263 7.19 -21.30 -11.70
CA LYS A 263 8.62 -21.64 -11.70
C LYS A 263 9.07 -22.25 -10.36
N ASP A 264 10.33 -22.64 -10.28
CA ASP A 264 10.93 -23.20 -9.06
C ASP A 264 11.47 -22.12 -8.12
N VAL A 265 10.61 -21.63 -7.23
CA VAL A 265 10.96 -20.51 -6.35
C VAL A 265 12.11 -20.88 -5.40
N PRO A 266 12.06 -22.06 -4.76
CA PRO A 266 13.21 -22.45 -3.93
C PRO A 266 14.53 -22.40 -4.71
N GLY A 267 14.52 -22.91 -5.94
CA GLY A 267 15.73 -22.96 -6.74
C GLY A 267 16.24 -21.59 -7.13
N ILE A 268 15.31 -20.70 -7.49
CA ILE A 268 15.65 -19.35 -7.92
C ILE A 268 16.26 -18.58 -6.76
N ILE A 269 15.61 -18.64 -5.61
CA ILE A 269 16.16 -17.98 -4.45
C ILE A 269 17.53 -18.56 -4.12
N SER A 270 17.65 -19.89 -4.03
CA SER A 270 18.94 -20.50 -3.73
C SER A 270 20.03 -20.14 -4.71
N LYS A 271 19.68 -20.08 -6.00
CA LYS A 271 20.65 -19.73 -7.04
C LYS A 271 21.21 -18.32 -6.85
N ASN A 272 20.42 -17.42 -6.27
CA ASN A 272 20.79 -16.01 -6.18
C ASN A 272 21.15 -15.49 -4.78
N ILE A 273 21.13 -16.35 -3.77
CA ILE A 273 21.19 -15.85 -2.39
C ILE A 273 22.57 -15.26 -2.03
N GLU A 274 23.65 -15.84 -2.54
CA GLU A 274 24.96 -15.30 -2.24
C GLU A 274 25.08 -13.87 -2.79
N LYS A 275 24.58 -13.68 -4.01
CA LYS A 275 24.54 -12.36 -4.65
C LYS A 275 23.73 -11.37 -3.84
N LEU A 276 22.54 -11.79 -3.43
CA LEU A 276 21.66 -10.99 -2.57
C LEU A 276 22.38 -10.45 -1.34
N LEU A 277 23.24 -11.28 -0.75
CA LEU A 277 23.81 -10.95 0.54
C LEU A 277 25.10 -10.15 0.46
N ALA A 278 25.63 -9.95 -0.74
CA ALA A 278 26.93 -9.29 -0.89
C ALA A 278 26.90 -7.87 -0.34
N GLU A 279 25.85 -7.11 -0.65
CA GLU A 279 25.83 -5.72 -0.23
C GLU A 279 25.73 -5.61 1.30
N PRO A 280 24.80 -6.33 1.94
CA PRO A 280 24.76 -6.23 3.40
C PRO A 280 26.03 -6.75 4.07
N LEU A 281 26.68 -7.78 3.54
CA LEU A 281 27.94 -8.25 4.10
C LEU A 281 29.07 -7.24 3.87
N ASP A 282 29.02 -6.52 2.76
CA ASP A 282 29.97 -5.44 2.52
C ASP A 282 29.82 -4.37 3.59
N TYR A 283 28.58 -4.08 3.98
CA TYR A 283 28.31 -3.15 5.06
C TYR A 283 28.91 -3.65 6.38
N VAL A 284 28.73 -4.92 6.67
CA VAL A 284 29.33 -5.50 7.87
C VAL A 284 30.85 -5.34 7.83
N LYS A 285 31.45 -5.63 6.68
CA LYS A 285 32.89 -5.49 6.48
C LYS A 285 33.34 -4.05 6.79
N SER A 286 32.51 -3.09 6.41
CA SER A 286 32.79 -1.67 6.64
C SER A 286 32.85 -1.34 8.12
N VAL A 287 31.96 -1.96 8.89
CA VAL A 287 31.75 -1.66 10.30
C VAL A 287 32.66 -2.50 11.22
N ASP A 288 32.91 -3.75 10.82
CA ASP A 288 33.64 -4.70 11.65
C ASP A 288 35.03 -4.99 11.12
N GLU A 289 35.27 -4.67 9.85
CA GLU A 289 36.53 -4.98 9.20
C GLU A 289 36.75 -6.49 9.23
N ALA A 290 35.64 -7.22 9.12
CA ALA A 290 35.65 -8.68 9.09
C ALA A 290 34.52 -9.21 8.21
N SER A 291 34.74 -10.38 7.64
CA SER A 291 33.74 -11.01 6.78
C SER A 291 33.27 -12.31 7.42
N PRO A 292 32.13 -12.26 8.12
CA PRO A 292 31.63 -13.52 8.67
C PRO A 292 31.19 -14.49 7.58
N ALA A 293 31.34 -15.79 7.83
CA ALA A 293 30.71 -16.79 6.99
C ALA A 293 29.21 -16.70 7.18
N TYR A 294 28.45 -17.25 6.23
CA TYR A 294 27.01 -17.25 6.32
C TYR A 294 26.56 -17.93 7.61
N THR A 295 27.28 -18.96 8.03
CA THR A 295 26.86 -19.71 9.21
C THR A 295 27.24 -18.99 10.50
N ASP A 296 27.97 -17.86 10.39
CA ASP A 296 28.21 -16.98 11.54
C ASP A 296 27.13 -15.91 11.74
N LEU A 297 26.10 -15.92 10.89
CA LEU A 297 24.96 -15.01 10.95
C LEU A 297 23.75 -15.72 11.52
N PHE A 298 22.87 -15.02 12.22
CA PHE A 298 21.58 -15.61 12.57
C PHE A 298 20.57 -15.34 11.45
N TRP A 299 19.50 -16.13 11.40
CA TRP A 299 18.59 -16.14 10.25
C TRP A 299 17.15 -15.99 10.67
N VAL A 300 16.50 -14.98 10.09
CA VAL A 300 15.10 -14.71 10.30
C VAL A 300 14.44 -14.73 8.94
N VAL A 301 13.99 -15.91 8.53
CA VAL A 301 13.55 -16.14 7.16
C VAL A 301 12.04 -16.37 7.09
N HIS A 302 11.40 -15.84 6.06
CA HIS A 302 10.01 -16.18 5.78
C HIS A 302 9.88 -17.67 5.56
N PRO A 303 9.06 -18.34 6.38
CA PRO A 303 8.89 -19.79 6.23
C PRO A 303 7.91 -20.12 5.11
N GLY A 304 8.32 -19.89 3.87
CA GLY A 304 7.44 -20.04 2.73
C GLY A 304 7.05 -21.48 2.56
N GLY A 305 7.95 -22.36 2.98
CA GLY A 305 7.77 -23.79 2.89
C GLY A 305 9.09 -24.47 3.22
N PRO A 306 9.07 -25.79 3.39
CA PRO A 306 10.30 -26.48 3.78
C PRO A 306 11.42 -26.47 2.71
N ALA A 307 11.06 -26.47 1.42
CA ALA A 307 12.06 -26.55 0.35
C ALA A 307 12.95 -25.30 0.30
N ILE A 308 12.35 -24.13 0.45
CA ILE A 308 13.15 -22.92 0.44
C ILE A 308 14.18 -22.98 1.56
N LEU A 309 13.73 -23.36 2.76
CA LEU A 309 14.63 -23.40 3.91
C LEU A 309 15.74 -24.44 3.73
N ASP A 310 15.37 -25.64 3.28
CA ASP A 310 16.36 -26.70 3.05
C ASP A 310 17.40 -26.29 2.00
N GLN A 311 16.94 -25.70 0.91
CA GLN A 311 17.85 -25.37 -0.19
C GLN A 311 18.75 -24.19 0.14
N VAL A 312 18.24 -23.18 0.82
CA VAL A 312 19.07 -22.07 1.25
C VAL A 312 20.09 -22.56 2.29
N GLU A 313 19.64 -23.37 3.23
CA GLU A 313 20.52 -23.97 4.23
C GLU A 313 21.68 -24.75 3.58
N ALA A 314 21.34 -25.54 2.56
CA ALA A 314 22.35 -26.31 1.82
C ALA A 314 23.30 -25.40 1.04
N LYS A 315 22.73 -24.46 0.28
CA LYS A 315 23.52 -23.53 -0.54
C LYS A 315 24.55 -22.78 0.29
N LEU A 316 24.12 -22.27 1.44
CA LEU A 316 24.97 -21.43 2.26
C LEU A 316 25.76 -22.21 3.30
N LYS A 317 25.63 -23.53 3.27
CA LYS A 317 26.32 -24.39 4.23
C LYS A 317 26.08 -23.96 5.70
N LEU A 318 24.82 -23.72 6.07
CA LEU A 318 24.49 -23.34 7.44
C LEU A 318 24.48 -24.55 8.38
N ASP A 319 25.01 -24.36 9.58
CA ASP A 319 24.75 -25.30 10.66
C ASP A 319 23.24 -25.52 10.79
N LYS A 320 22.83 -26.76 11.07
CA LYS A 320 21.40 -27.09 11.08
C LYS A 320 20.55 -26.25 12.05
N ASP A 321 21.16 -25.78 13.13
CA ASP A 321 20.43 -24.94 14.08
C ASP A 321 20.05 -23.57 13.56
N ARG A 322 20.71 -23.08 12.51
CA ARG A 322 20.48 -21.69 12.09
C ARG A 322 19.06 -21.45 11.60
N MET A 323 18.48 -22.43 10.92
CA MET A 323 17.09 -22.32 10.44
C MET A 323 16.04 -22.75 11.48
N GLN A 324 16.44 -23.06 12.71
CA GLN A 324 15.52 -23.68 13.65
C GLN A 324 14.39 -22.72 14.07
N ALA A 325 14.69 -21.44 14.28
CA ALA A 325 13.65 -20.50 14.67
C ALA A 325 12.59 -20.43 13.57
N THR A 326 13.06 -20.40 12.32
CA THR A 326 12.16 -20.36 11.17
C THR A 326 11.34 -21.65 11.08
N ARG A 327 11.99 -22.80 11.19
CA ARG A 327 11.27 -24.09 11.15
C ARG A 327 10.26 -24.24 12.30
N ASP A 328 10.58 -23.68 13.46
CA ASP A 328 9.68 -23.75 14.60
C ASP A 328 8.37 -23.01 14.30
N VAL A 329 8.46 -21.84 13.68
CA VAL A 329 7.28 -21.08 13.28
C VAL A 329 6.49 -21.86 12.22
N LEU A 330 7.17 -22.40 11.22
CA LEU A 330 6.50 -23.23 10.21
C LEU A 330 5.75 -24.36 10.86
N ALA A 331 6.37 -25.02 11.84
CA ALA A 331 5.79 -26.19 12.48
C ALA A 331 4.52 -25.85 13.23
N GLN A 332 4.53 -24.73 13.95
CA GLN A 332 3.44 -24.38 14.86
C GLN A 332 2.29 -23.59 14.23
N TYR A 333 2.59 -22.90 13.14
CA TYR A 333 1.64 -21.94 12.56
C TYR A 333 1.51 -22.00 11.04
N GLY A 334 2.40 -22.75 10.38
CA GLY A 334 2.46 -22.72 8.94
C GLY A 334 2.94 -21.41 8.35
N ASN A 335 2.63 -21.20 7.07
CA ASN A 335 2.95 -20.01 6.33
C ASN A 335 1.83 -18.98 6.47
N MET A 336 2.03 -17.96 7.29
CA MET A 336 1.03 -16.92 7.54
C MET A 336 1.31 -15.69 6.69
N SER A 337 1.81 -15.93 5.48
CA SER A 337 2.12 -14.86 4.54
C SER A 337 2.93 -13.78 5.22
N SER A 338 2.53 -12.52 5.08
CA SER A 338 3.35 -11.39 5.52
C SER A 338 3.75 -11.44 7.01
N ALA A 339 2.87 -11.95 7.86
CA ALA A 339 3.14 -11.92 9.31
C ALA A 339 4.27 -12.89 9.69
N SER A 340 4.49 -13.91 8.89
CA SER A 340 5.34 -15.04 9.30
C SER A 340 6.74 -14.66 9.77
N VAL A 341 7.41 -13.79 9.02
CA VAL A 341 8.80 -13.50 9.33
C VAL A 341 8.90 -12.72 10.65
N LEU A 342 7.84 -12.00 11.02
CA LEU A 342 7.77 -11.31 12.31
C LEU A 342 7.55 -12.32 13.44
N PHE A 343 6.76 -13.37 13.20
CA PHE A 343 6.73 -14.49 14.16
C PHE A 343 8.13 -15.10 14.36
N VAL A 344 8.91 -15.24 13.28
CA VAL A 344 10.24 -15.77 13.39
C VAL A 344 11.15 -14.85 14.21
N LEU A 345 10.98 -13.53 14.06
CA LEU A 345 11.76 -12.60 14.85
C LEU A 345 11.48 -12.80 16.35
N ASP A 346 10.21 -12.98 16.68
CA ASP A 346 9.81 -13.22 18.08
C ASP A 346 10.39 -14.54 18.58
N GLN A 347 10.32 -15.58 17.75
CA GLN A 347 10.82 -16.91 18.11
C GLN A 347 12.34 -16.89 18.31
N MET A 348 13.03 -16.09 17.50
CA MET A 348 14.47 -15.90 17.66
C MET A 348 14.76 -15.35 19.06
N ARG A 349 14.07 -14.29 19.44
CA ARG A 349 14.23 -13.73 20.78
C ARG A 349 13.84 -14.73 21.88
N LYS A 350 12.74 -15.45 21.67
CA LYS A 350 12.26 -16.37 22.67
C LYS A 350 13.26 -17.48 22.92
N ARG A 351 13.90 -17.97 21.86
CA ARG A 351 14.84 -19.05 22.03
C ARG A 351 16.13 -18.52 22.71
N SER A 352 16.41 -17.22 22.55
CA SER A 352 17.59 -16.66 23.18
C SER A 352 17.44 -16.65 24.68
N VAL A 353 16.21 -16.44 25.14
CA VAL A 353 15.95 -16.56 26.57
C VAL A 353 16.00 -18.00 27.05
N GLU A 354 15.25 -18.90 26.42
CA GLU A 354 15.14 -20.25 26.92
C GLU A 354 16.42 -21.06 26.79
N LEU A 355 17.22 -20.75 25.78
CA LEU A 355 18.46 -21.50 25.53
C LEU A 355 19.68 -20.73 26.03
N ASN A 356 19.44 -19.68 26.82
CA ASN A 356 20.51 -18.89 27.42
C ASN A 356 21.56 -18.43 26.41
N LYS A 357 21.14 -17.77 25.35
CA LYS A 357 22.07 -17.24 24.36
C LYS A 357 22.63 -15.90 24.83
N ASP A 358 23.83 -15.58 24.34
CA ASP A 358 24.52 -14.34 24.69
C ASP A 358 23.91 -13.10 24.02
N THR A 359 23.13 -13.32 22.96
CA THR A 359 22.47 -12.21 22.27
C THR A 359 21.07 -12.65 21.88
N THR A 360 20.26 -11.71 21.41
CA THR A 360 18.88 -12.00 21.01
C THR A 360 18.83 -12.76 19.69
N GLY A 361 19.96 -12.78 18.99
CA GLY A 361 20.09 -13.44 17.71
C GLY A 361 20.94 -14.69 17.77
N ASP A 362 20.48 -15.67 18.54
CA ASP A 362 21.14 -16.98 18.63
C ASP A 362 22.60 -16.88 19.12
N GLY A 363 22.92 -15.80 19.84
CA GLY A 363 24.24 -15.62 20.41
C GLY A 363 25.22 -15.00 19.42
N LEU A 364 24.73 -14.70 18.22
CA LEU A 364 25.54 -14.12 17.15
C LEU A 364 25.26 -12.61 17.03
N LYS A 365 26.15 -11.91 16.34
CA LYS A 365 26.06 -10.46 16.26
C LYS A 365 25.16 -10.00 15.13
N TRP A 366 25.43 -10.50 13.93
CA TRP A 366 24.71 -10.04 12.74
C TRP A 366 23.73 -11.09 12.24
N GLY A 367 22.63 -10.63 11.67
CA GLY A 367 21.58 -11.49 11.16
C GLY A 367 20.97 -11.00 9.86
N VAL A 368 20.37 -11.95 9.15
CA VAL A 368 19.67 -11.68 7.88
C VAL A 368 18.20 -11.97 8.06
N MET A 369 17.40 -10.97 7.73
CA MET A 369 15.96 -11.12 7.64
C MET A 369 15.54 -11.15 6.18
N LEU A 370 14.82 -12.19 5.78
CA LEU A 370 14.45 -12.36 4.35
C LEU A 370 12.97 -12.58 4.15
N GLY A 371 12.37 -11.84 3.23
CA GLY A 371 11.01 -12.11 2.79
C GLY A 371 11.03 -12.25 1.28
N PHE A 372 10.08 -13.00 0.73
CA PHE A 372 9.98 -13.09 -0.70
C PHE A 372 8.54 -13.20 -1.15
N GLY A 373 8.31 -12.76 -2.38
CA GLY A 373 6.98 -12.68 -2.92
C GLY A 373 7.01 -12.50 -4.42
N PRO A 374 5.82 -12.23 -4.99
CA PRO A 374 5.67 -12.03 -6.43
C PRO A 374 6.71 -11.08 -7.00
N GLY A 375 7.25 -11.44 -8.15
CA GLY A 375 8.26 -10.65 -8.83
C GLY A 375 9.11 -11.48 -9.78
N LEU A 376 9.86 -12.45 -9.26
CA LEU A 376 10.05 -12.79 -7.86
C LEU A 376 10.86 -11.74 -7.13
N THR A 377 10.31 -11.24 -6.03
CA THR A 377 10.91 -10.16 -5.28
C THR A 377 11.45 -10.73 -3.97
N VAL A 378 12.66 -10.32 -3.63
CA VAL A 378 13.23 -10.62 -2.32
C VAL A 378 13.51 -9.33 -1.56
N GLU A 379 13.03 -9.29 -0.32
CA GLU A 379 13.38 -8.27 0.64
C GLU A 379 14.47 -8.79 1.57
N THR A 380 15.55 -8.04 1.73
CA THR A 380 16.68 -8.44 2.56
C THR A 380 16.92 -7.34 3.58
N LEU A 381 17.00 -7.69 4.85
CA LEU A 381 17.42 -6.74 5.88
C LEU A 381 18.56 -7.32 6.68
N LEU A 382 19.51 -6.46 7.02
CA LEU A 382 20.59 -6.79 7.93
C LEU A 382 20.21 -6.34 9.34
N LEU A 383 20.21 -7.29 10.26
CA LEU A 383 19.90 -7.04 11.66
C LEU A 383 21.15 -7.13 12.51
N LYS A 384 21.19 -6.37 13.60
CA LYS A 384 22.16 -6.62 14.65
C LYS A 384 21.38 -7.05 15.90
N SER A 385 21.90 -8.06 16.58
CA SER A 385 21.30 -8.49 17.84
C SER A 385 21.63 -7.51 18.96
N ILE A 386 21.00 -7.73 20.09
CA ILE A 386 21.25 -6.98 21.30
C ILE A 386 21.83 -7.92 22.37
N SER B 8 17.32 24.56 6.73
CA SER B 8 16.80 24.90 5.41
C SER B 8 17.28 23.94 4.34
N SER B 9 18.42 23.30 4.60
CA SER B 9 19.02 22.34 3.67
C SER B 9 18.50 20.92 3.87
N GLY B 10 18.66 20.09 2.85
CA GLY B 10 18.42 18.67 2.99
C GLY B 10 16.99 18.22 2.78
N LYS B 11 16.06 19.15 2.58
CA LYS B 11 14.64 18.78 2.48
C LYS B 11 14.35 18.08 1.16
N ALA B 12 13.47 17.09 1.22
CA ALA B 12 13.00 16.47 0.00
C ALA B 12 12.44 17.50 -0.99
N THR B 13 12.90 17.40 -2.23
CA THR B 13 12.64 18.40 -3.23
C THR B 13 12.04 17.75 -4.46
N VAL B 14 11.01 18.36 -4.99
CA VAL B 14 10.44 17.93 -6.27
C VAL B 14 11.32 18.46 -7.39
N LEU B 15 11.80 17.55 -8.24
CA LEU B 15 12.76 17.88 -9.28
C LEU B 15 12.17 17.81 -10.71
N ALA B 16 10.95 17.24 -10.77
CA ALA B 16 10.29 17.04 -12.05
C ALA B 16 8.83 16.65 -11.81
N VAL B 17 7.96 17.02 -12.75
CA VAL B 17 6.57 16.56 -12.73
C VAL B 17 6.15 16.23 -14.16
N GLY B 18 5.46 15.11 -14.34
CA GLY B 18 4.93 14.76 -15.65
C GLY B 18 3.53 14.23 -15.47
N THR B 19 2.67 14.40 -16.46
CA THR B 19 1.29 13.96 -16.36
C THR B 19 0.86 13.33 -17.68
N ALA B 20 -0.16 12.49 -17.59
CA ALA B 20 -0.73 11.80 -18.75
C ALA B 20 -2.21 11.55 -18.54
N VAL B 21 -2.96 11.60 -19.64
CA VAL B 21 -4.38 11.25 -19.59
C VAL B 21 -4.70 10.43 -20.81
N PRO B 22 -5.71 9.56 -20.70
CA PRO B 22 -6.19 8.91 -21.91
C PRO B 22 -6.60 9.92 -22.97
N PRO B 23 -6.48 9.56 -24.23
CA PRO B 23 -6.72 10.55 -25.31
C PRO B 23 -8.17 10.99 -25.49
N LYS B 24 -9.14 10.12 -25.22
CA LYS B 24 -10.54 10.42 -25.55
C LYS B 24 -11.14 11.39 -24.53
N GLU B 25 -11.65 12.50 -25.07
CA GLU B 25 -12.22 13.59 -24.27
C GLU B 25 -13.72 13.49 -24.28
N PHE B 26 -14.30 13.66 -23.10
CA PHE B 26 -15.75 13.62 -22.91
C PHE B 26 -16.22 14.97 -22.34
N ASP B 27 -16.87 15.77 -23.17
CA ASP B 27 -17.39 17.08 -22.77
C ASP B 27 -18.43 16.92 -21.68
N GLN B 28 -18.30 17.71 -20.62
CA GLN B 28 -19.19 17.55 -19.48
C GLN B 28 -20.64 17.97 -19.80
N SER B 29 -20.82 18.92 -20.71
CA SER B 29 -22.15 19.44 -21.05
C SER B 29 -23.08 18.32 -21.50
N THR B 30 -22.51 17.36 -22.23
CA THR B 30 -23.28 16.30 -22.84
C THR B 30 -22.95 14.92 -22.27
N TYR B 31 -22.16 14.90 -21.21
CA TYR B 31 -21.86 13.62 -20.59
C TYR B 31 -23.13 12.88 -20.12
N PRO B 32 -24.13 13.61 -19.60
CA PRO B 32 -25.36 12.91 -19.16
C PRO B 32 -26.03 12.14 -20.29
N ASP B 33 -26.05 12.71 -21.49
CA ASP B 33 -26.57 12.00 -22.66
C ASP B 33 -25.83 10.69 -22.90
N PHE B 34 -24.50 10.77 -22.92
CA PHE B 34 -23.67 9.59 -23.16
C PHE B 34 -23.91 8.55 -22.07
N TYR B 35 -23.90 9.00 -20.82
CA TYR B 35 -23.90 8.11 -19.66
C TYR B 35 -25.22 7.35 -19.53
N PHE B 36 -26.35 8.06 -19.62
CA PHE B 36 -27.64 7.41 -19.49
C PHE B 36 -27.94 6.57 -20.72
N ASN B 37 -27.30 6.86 -21.84
CA ASN B 37 -27.52 6.07 -23.04
C ASN B 37 -26.79 4.73 -22.97
N VAL B 38 -25.49 4.74 -22.68
N VAL B 38 -25.50 4.76 -22.65
CA VAL B 38 -24.71 3.51 -22.72
CA VAL B 38 -24.68 3.55 -22.71
C VAL B 38 -25.11 2.58 -21.59
C VAL B 38 -25.06 2.59 -21.57
N THR B 39 -25.72 3.11 -20.54
CA THR B 39 -26.17 2.28 -19.42
C THR B 39 -27.66 1.91 -19.55
N ASN B 40 -28.27 2.30 -20.66
CA ASN B 40 -29.66 1.95 -20.96
C ASN B 40 -30.63 2.44 -19.88
N CYS B 41 -30.43 3.70 -19.47
CA CYS B 41 -31.23 4.31 -18.42
C CYS B 41 -31.97 5.55 -18.92
N ASN B 42 -32.20 5.64 -20.22
CA ASN B 42 -32.88 6.79 -20.78
C ASN B 42 -34.30 6.95 -20.26
N ASP B 43 -34.90 5.88 -19.74
CA ASP B 43 -36.24 5.96 -19.20
C ASP B 43 -36.26 6.64 -17.82
N LYS B 44 -35.09 6.81 -17.23
CA LYS B 44 -34.97 7.45 -15.92
C LYS B 44 -34.83 8.97 -16.09
N VAL B 45 -35.89 9.62 -16.56
CA VAL B 45 -35.79 11.02 -16.97
C VAL B 45 -35.54 11.97 -15.79
N GLU B 46 -36.20 11.75 -14.66
CA GLU B 46 -35.98 12.59 -13.48
C GLU B 46 -34.55 12.44 -12.94
N LEU B 47 -34.06 11.20 -12.90
CA LEU B 47 -32.72 10.93 -12.42
C LEU B 47 -31.71 11.61 -13.36
N LYS B 48 -31.98 11.55 -14.66
CA LYS B 48 -31.10 12.19 -15.64
C LYS B 48 -31.09 13.70 -15.43
N GLY B 49 -32.26 14.27 -15.15
CA GLY B 49 -32.38 15.69 -14.86
C GLY B 49 -31.47 16.07 -13.71
N LYS B 50 -31.54 15.29 -12.65
CA LYS B 50 -30.71 15.51 -11.48
C LYS B 50 -29.24 15.45 -11.86
N PHE B 51 -28.87 14.45 -12.67
CA PHE B 51 -27.46 14.25 -13.00
C PHE B 51 -26.96 15.40 -13.86
N GLN B 52 -27.82 15.88 -14.75
CA GLN B 52 -27.47 17.03 -15.58
C GLN B 52 -27.18 18.25 -14.72
N ARG B 53 -28.00 18.48 -13.70
CA ARG B 53 -27.78 19.60 -12.79
C ARG B 53 -26.47 19.48 -12.04
N ILE B 54 -26.16 18.27 -11.58
CA ILE B 54 -24.93 18.02 -10.86
C ILE B 54 -23.74 18.29 -11.79
N CYS B 55 -23.80 17.77 -13.01
CA CYS B 55 -22.75 18.01 -14.00
C CYS B 55 -22.61 19.49 -14.33
N ASP B 56 -23.73 20.18 -14.49
CA ASP B 56 -23.72 21.60 -14.83
C ASP B 56 -23.06 22.48 -13.76
N ARG B 57 -23.13 22.08 -12.49
CA ARG B 57 -22.46 22.87 -11.43
C ARG B 57 -21.12 22.27 -10.93
N SER B 58 -20.58 21.30 -11.65
CA SER B 58 -19.41 20.57 -11.19
C SER B 58 -18.08 21.30 -11.38
N GLY B 59 -18.07 22.38 -12.15
CA GLY B 59 -16.82 23.06 -12.44
C GLY B 59 -15.91 22.36 -13.43
N ILE B 60 -16.44 21.31 -14.06
CA ILE B 60 -15.69 20.51 -15.02
C ILE B 60 -16.14 20.82 -16.45
N LYS B 61 -15.18 21.07 -17.34
CA LYS B 61 -15.51 21.27 -18.76
C LYS B 61 -15.39 19.95 -19.53
N LYS B 62 -14.40 19.15 -19.17
CA LYS B 62 -14.23 17.84 -19.79
C LYS B 62 -13.45 16.88 -18.88
N ARG B 63 -13.58 15.60 -19.19
CA ARG B 63 -12.80 14.54 -18.58
C ARG B 63 -12.23 13.64 -19.67
N HIS B 64 -11.16 12.96 -19.33
CA HIS B 64 -10.54 11.95 -20.20
C HIS B 64 -10.81 10.57 -19.65
N PHE B 65 -11.22 9.69 -20.54
CA PHE B 65 -11.55 8.30 -20.19
C PHE B 65 -10.95 7.30 -21.17
N TYR B 66 -10.41 6.23 -20.61
CA TYR B 66 -10.11 5.01 -21.35
C TYR B 66 -11.40 4.34 -21.83
N LEU B 67 -12.40 4.26 -20.95
CA LEU B 67 -13.70 3.70 -21.33
C LEU B 67 -14.39 4.53 -22.39
N ASP B 68 -14.97 3.83 -23.37
CA ASP B 68 -15.77 4.47 -24.38
C ASP B 68 -16.92 3.54 -24.72
N GLU B 69 -17.77 3.97 -25.63
CA GLU B 69 -18.93 3.17 -25.99
C GLU B 69 -18.56 1.76 -26.40
N GLU B 70 -17.53 1.64 -27.25
CA GLU B 70 -17.14 0.33 -27.80
C GLU B 70 -16.77 -0.65 -26.70
N ILE B 71 -15.93 -0.20 -25.78
CA ILE B 71 -15.46 -1.06 -24.71
C ILE B 71 -16.59 -1.43 -23.76
N LEU B 72 -17.46 -0.47 -23.47
CA LEU B 72 -18.59 -0.72 -22.59
C LEU B 72 -19.59 -1.67 -23.22
N LYS B 73 -19.77 -1.59 -24.53
CA LYS B 73 -20.67 -2.52 -25.20
C LYS B 73 -20.08 -3.93 -25.24
N ALA B 74 -18.75 -4.02 -25.26
CA ALA B 74 -18.04 -5.31 -25.18
C ALA B 74 -18.02 -5.91 -23.76
N ASN B 75 -18.34 -5.10 -22.77
CA ASN B 75 -18.32 -5.54 -21.36
C ASN B 75 -19.61 -5.14 -20.68
N PRO B 76 -20.73 -5.76 -21.09
CA PRO B 76 -22.05 -5.29 -20.66
C PRO B 76 -22.28 -5.31 -19.15
N GLY B 77 -21.53 -6.11 -18.40
CA GLY B 77 -21.66 -6.13 -16.95
C GLY B 77 -21.36 -4.77 -16.35
N MET B 78 -20.46 -4.04 -16.99
CA MET B 78 -20.07 -2.73 -16.49
C MET B 78 -21.14 -1.66 -16.74
N CYS B 79 -22.11 -1.97 -17.60
CA CYS B 79 -23.19 -1.03 -17.90
C CYS B 79 -24.43 -1.25 -17.03
N THR B 80 -24.33 -2.21 -16.12
CA THR B 80 -25.38 -2.49 -15.16
C THR B 80 -25.10 -1.73 -13.88
N TYR B 81 -26.08 -1.70 -13.00
CA TYR B 81 -25.94 -1.05 -11.70
C TYR B 81 -25.02 -1.84 -10.75
N MET B 82 -25.36 -3.10 -10.48
CA MET B 82 -24.58 -3.92 -9.54
C MET B 82 -24.35 -5.33 -10.08
N GLY B 83 -24.35 -5.47 -11.40
CA GLY B 83 -24.07 -6.77 -11.97
C GLY B 83 -22.61 -7.19 -11.73
N ALA B 84 -22.40 -8.49 -11.63
CA ALA B 84 -21.06 -9.04 -11.44
C ALA B 84 -20.19 -8.61 -12.61
N SER B 85 -19.04 -7.99 -12.32
CA SER B 85 -18.24 -7.41 -13.38
C SER B 85 -16.80 -7.16 -12.97
N LEU B 86 -16.42 -7.52 -11.75
CA LEU B 86 -15.06 -7.23 -11.34
C LEU B 86 -13.98 -7.85 -12.24
N ASP B 87 -14.21 -9.04 -12.78
CA ASP B 87 -13.15 -9.69 -13.55
C ASP B 87 -12.81 -8.83 -14.79
N VAL B 88 -13.81 -8.35 -15.50
CA VAL B 88 -13.54 -7.54 -16.70
C VAL B 88 -13.01 -6.18 -16.32
N ARG B 89 -13.43 -5.65 -15.17
CA ARG B 89 -12.90 -4.36 -14.70
C ARG B 89 -11.41 -4.49 -14.34
N GLN B 90 -11.07 -5.56 -13.65
CA GLN B 90 -9.69 -5.81 -13.28
C GLN B 90 -8.82 -5.98 -14.54
N ASN B 91 -9.33 -6.69 -15.53
CA ASN B 91 -8.58 -6.94 -16.73
C ASN B 91 -8.13 -5.60 -17.31
N ILE B 92 -9.07 -4.66 -17.34
CA ILE B 92 -8.77 -3.33 -17.86
C ILE B 92 -7.79 -2.57 -16.97
N ALA B 93 -8.13 -2.48 -15.68
CA ALA B 93 -7.35 -1.64 -14.76
C ALA B 93 -5.92 -2.14 -14.61
N VAL B 94 -5.73 -3.45 -14.51
CA VAL B 94 -4.42 -4.00 -14.23
C VAL B 94 -3.50 -3.71 -15.42
N ARG B 95 -4.09 -3.61 -16.61
CA ARG B 95 -3.32 -3.31 -17.82
C ARG B 95 -3.06 -1.81 -18.00
N GLU B 96 -4.11 -1.02 -17.89
CA GLU B 96 -4.04 0.38 -18.26
C GLU B 96 -3.45 1.28 -17.19
N VAL B 97 -3.57 0.93 -15.93
CA VAL B 97 -3.01 1.79 -14.89
C VAL B 97 -1.48 1.95 -14.99
N PRO B 98 -0.72 0.85 -15.10
CA PRO B 98 0.72 1.05 -15.28
C PRO B 98 1.10 1.70 -16.61
N LYS B 99 0.33 1.47 -17.66
CA LYS B 99 0.66 2.05 -18.95
C LYS B 99 0.54 3.58 -18.91
N LEU B 100 -0.50 4.07 -18.26
CA LEU B 100 -0.71 5.53 -18.18
C LEU B 100 0.37 6.10 -17.29
N ALA B 101 0.74 5.35 -16.24
CA ALA B 101 1.81 5.81 -15.34
C ALA B 101 3.14 5.92 -16.07
N LYS B 102 3.41 4.99 -17.00
CA LYS B 102 4.66 4.99 -17.76
C LYS B 102 4.77 6.29 -18.57
N GLU B 103 3.67 6.70 -19.19
CA GLU B 103 3.68 7.91 -20.01
C GLU B 103 4.04 9.11 -19.15
N ALA B 104 3.43 9.21 -17.96
CA ALA B 104 3.71 10.31 -17.03
C ALA B 104 5.16 10.24 -16.53
N ALA B 105 5.59 9.05 -16.20
CA ALA B 105 6.93 8.86 -15.63
C ALA B 105 8.02 9.26 -16.68
N LEU B 106 7.83 8.90 -17.94
CA LEU B 106 8.78 9.24 -18.98
C LEU B 106 8.92 10.75 -19.11
N LYS B 107 7.81 11.45 -18.98
CA LYS B 107 7.82 12.91 -19.03
C LYS B 107 8.56 13.47 -17.82
N ALA B 108 8.31 12.91 -16.64
CA ALA B 108 9.05 13.39 -15.46
C ALA B 108 10.54 13.13 -15.61
N ILE B 109 10.89 11.94 -16.10
CA ILE B 109 12.28 11.56 -16.24
C ILE B 109 12.96 12.47 -17.28
N LYS B 110 12.28 12.78 -18.38
CA LYS B 110 12.86 13.73 -19.33
C LYS B 110 13.19 15.04 -18.67
N GLU B 111 12.24 15.59 -17.92
CA GLU B 111 12.41 16.91 -17.32
C GLU B 111 13.60 16.87 -16.36
N TRP B 112 13.66 15.80 -15.60
CA TRP B 112 14.73 15.61 -14.61
C TRP B 112 16.07 15.61 -15.26
N GLY B 113 16.18 14.89 -16.38
CA GLY B 113 17.35 14.94 -17.23
C GLY B 113 18.49 13.98 -16.89
N GLN B 114 18.30 13.14 -15.89
CA GLN B 114 19.26 12.15 -15.46
C GLN B 114 18.92 10.78 -16.00
N PRO B 115 19.93 9.90 -16.08
CA PRO B 115 19.58 8.54 -16.52
C PRO B 115 18.68 7.79 -15.55
N LYS B 116 17.79 6.95 -16.07
CA LYS B 116 16.82 6.31 -15.22
C LYS B 116 17.50 5.30 -14.28
N SER B 117 18.75 4.94 -14.56
CA SER B 117 19.49 4.06 -13.66
C SER B 117 19.78 4.74 -12.32
N LYS B 118 19.63 6.06 -12.26
CA LYS B 118 19.83 6.75 -11.00
C LYS B 118 18.61 6.78 -10.08
N ILE B 119 17.47 6.27 -10.56
CA ILE B 119 16.31 6.10 -9.69
C ILE B 119 16.57 4.96 -8.72
N THR B 120 16.37 5.25 -7.42
CA THR B 120 16.67 4.30 -6.35
C THR B 120 15.41 3.72 -5.67
N HIS B 121 14.30 4.45 -5.81
CA HIS B 121 13.06 4.14 -5.11
C HIS B 121 11.90 4.43 -6.05
N LEU B 122 10.83 3.66 -5.91
N LEU B 122 10.83 3.67 -5.89
CA LEU B 122 9.60 3.87 -6.64
CA LEU B 122 9.61 3.89 -6.62
C LEU B 122 8.39 3.75 -5.72
C LEU B 122 8.44 3.78 -5.65
N VAL B 123 7.60 4.80 -5.63
CA VAL B 123 6.34 4.79 -4.86
C VAL B 123 5.18 4.90 -5.84
N PHE B 124 4.25 3.93 -5.82
CA PHE B 124 3.15 3.89 -6.76
C PHE B 124 1.84 3.92 -5.97
N GLY B 125 0.94 4.83 -6.31
CA GLY B 125 -0.36 4.94 -5.71
C GLY B 125 -1.48 4.76 -6.72
N THR B 126 -2.52 3.97 -6.36
CA THR B 126 -3.70 3.87 -7.19
C THR B 126 -4.90 3.43 -6.34
N THR B 127 -6.10 3.59 -6.89
CA THR B 127 -7.35 3.14 -6.30
C THR B 127 -8.05 2.27 -7.35
N SER B 128 -7.36 1.99 -8.44
CA SER B 128 -7.96 1.42 -9.65
C SER B 128 -7.40 0.03 -9.90
N GLY B 129 -7.93 -0.98 -9.23
CA GLY B 129 -7.52 -2.36 -9.46
C GLY B 129 -6.41 -2.78 -8.54
N VAL B 130 -6.18 -4.08 -8.42
CA VAL B 130 -5.09 -4.61 -7.60
C VAL B 130 -4.60 -5.88 -8.29
N ASP B 131 -3.32 -6.19 -8.16
CA ASP B 131 -2.73 -7.38 -8.80
C ASP B 131 -1.44 -7.71 -8.06
N MET B 132 -0.95 -8.92 -8.26
CA MET B 132 0.30 -9.45 -7.70
C MET B 132 1.08 -10.15 -8.80
N PRO B 133 2.30 -9.70 -9.12
CA PRO B 133 2.95 -8.48 -8.66
C PRO B 133 2.11 -7.26 -8.97
N GLY B 134 2.40 -6.19 -8.25
CA GLY B 134 1.67 -4.95 -8.41
C GLY B 134 2.03 -4.05 -9.58
N ALA B 135 1.27 -2.95 -9.69
CA ALA B 135 1.50 -1.95 -10.70
C ALA B 135 2.90 -1.35 -10.56
N ASP B 136 3.46 -1.32 -9.35
CA ASP B 136 4.83 -0.84 -9.16
C ASP B 136 5.85 -1.70 -9.89
N PHE B 137 5.66 -3.00 -9.82
CA PHE B 137 6.52 -3.94 -10.51
C PHE B 137 6.36 -3.76 -12.03
N GLN B 138 5.12 -3.61 -12.48
CA GLN B 138 4.86 -3.45 -13.91
C GLN B 138 5.54 -2.17 -14.41
N LEU B 139 5.51 -1.10 -13.61
CA LEU B 139 6.12 0.15 -14.04
C LEU B 139 7.65 0.02 -14.08
N LEU B 140 8.20 -0.61 -13.06
CA LEU B 140 9.62 -0.91 -13.01
C LEU B 140 10.04 -1.61 -14.29
N LYS B 141 9.27 -2.63 -14.71
CA LYS B 141 9.62 -3.40 -15.90
C LYS B 141 9.43 -2.57 -17.17
N LEU B 142 8.30 -1.85 -17.27
CA LEU B 142 8.02 -1.01 -18.44
C LEU B 142 9.10 0.05 -18.68
N LEU B 143 9.63 0.64 -17.60
CA LEU B 143 10.66 1.66 -17.72
C LEU B 143 12.08 1.10 -17.82
N GLY B 144 12.27 -0.18 -17.51
CA GLY B 144 13.60 -0.76 -17.50
C GLY B 144 14.46 -0.16 -16.40
N LEU B 145 13.86 0.04 -15.24
CA LEU B 145 14.62 0.48 -14.08
C LEU B 145 15.45 -0.69 -13.54
N ARG B 146 16.38 -0.36 -12.65
CA ARG B 146 17.23 -1.36 -12.05
C ARG B 146 16.39 -2.33 -11.22
N PRO B 147 16.79 -3.60 -11.23
CA PRO B 147 15.98 -4.59 -10.49
C PRO B 147 15.98 -4.39 -8.97
N ASN B 148 16.91 -3.61 -8.45
CA ASN B 148 17.01 -3.40 -7.01
C ASN B 148 16.49 -2.03 -6.56
N VAL B 149 15.65 -1.41 -7.39
CA VAL B 149 14.89 -0.25 -6.98
C VAL B 149 13.95 -0.67 -5.84
N LYS B 150 13.94 0.09 -4.76
CA LYS B 150 13.10 -0.17 -3.61
C LYS B 150 11.69 0.42 -3.83
N ARG B 151 10.69 -0.45 -3.82
CA ARG B 151 9.35 -0.09 -4.17
C ARG B 151 8.41 -0.04 -2.99
N ILE B 152 7.46 0.90 -3.04
CA ILE B 152 6.33 0.91 -2.11
C ILE B 152 5.06 1.02 -2.93
N MET B 153 4.23 -0.01 -2.82
CA MET B 153 3.02 -0.14 -3.63
C MET B 153 1.81 0.18 -2.76
N LEU B 154 1.15 1.28 -3.06
CA LEU B 154 0.00 1.76 -2.28
C LEU B 154 -1.30 1.60 -3.08
N TYR B 155 -2.00 0.51 -2.78
CA TYR B 155 -3.27 0.18 -3.42
C TYR B 155 -4.49 0.63 -2.64
N GLN B 156 -5.59 0.83 -3.37
CA GLN B 156 -6.92 1.05 -2.79
C GLN B 156 -6.89 2.22 -1.84
N GLN B 157 -6.14 3.24 -2.24
CA GLN B 157 -5.85 4.33 -1.33
C GLN B 157 -6.91 5.45 -1.30
N GLY B 158 -7.44 5.80 -2.47
CA GLY B 158 -8.37 6.91 -2.59
C GLY B 158 -7.71 8.24 -2.89
N CSO B 159 -8.53 9.28 -2.77
CA CSO B 159 -8.18 10.59 -3.29
CB CSO B 159 -9.35 11.54 -3.23
SG CSO B 159 -10.64 11.02 -4.37
C CSO B 159 -7.00 11.19 -2.58
O CSO B 159 -6.60 12.30 -2.89
OD CSO B 159 -11.88 12.34 -4.27
H CSO B 159 -9.30 9.26 -2.38
HA CSO B 159 -7.93 10.49 -4.23
HB2 CSO B 159 -9.06 12.43 -3.47
HB3 CSO B 159 -9.73 11.53 -2.33
HD CSO B 159 -12.62 12.14 -4.87
N SER B 160 -6.73 10.81 -1.35
CA SER B 160 -5.65 11.43 -0.63
C SER B 160 -4.27 10.91 -1.03
N ALA B 161 -4.17 9.92 -1.90
CA ALA B 161 -2.89 9.27 -2.10
C ALA B 161 -1.84 10.06 -2.88
N GLY B 162 -2.25 11.12 -3.60
CA GLY B 162 -1.27 12.00 -4.22
C GLY B 162 -0.40 12.64 -3.16
N ALA B 163 -1.07 13.04 -2.10
CA ALA B 163 -0.36 13.61 -0.98
C ALA B 163 0.35 12.52 -0.19
N THR B 164 -0.31 11.37 -0.02
CA THR B 164 0.37 10.26 0.68
C THR B 164 1.71 9.84 0.05
N VAL B 165 1.76 9.65 -1.26
CA VAL B 165 3.00 9.24 -1.88
C VAL B 165 4.11 10.30 -1.74
N THR B 166 3.71 11.56 -1.66
CA THR B 166 4.65 12.64 -1.44
C THR B 166 5.21 12.55 -0.04
N ARG B 167 4.34 12.35 0.94
CA ARG B 167 4.77 12.12 2.33
C ARG B 167 5.71 10.91 2.45
N VAL B 168 5.38 9.81 1.77
CA VAL B 168 6.22 8.62 1.82
C VAL B 168 7.60 8.91 1.17
N ALA B 169 7.58 9.53 0.00
CA ALA B 169 8.81 9.88 -0.71
C ALA B 169 9.69 10.82 0.11
N LYS B 170 9.10 11.72 0.88
CA LYS B 170 9.89 12.65 1.68
C LYS B 170 10.83 11.92 2.65
N ASP B 171 10.33 10.92 3.37
CA ASP B 171 11.18 10.20 4.31
C ASP B 171 12.23 9.32 3.57
N LEU B 172 11.84 8.77 2.42
CA LEU B 172 12.77 7.99 1.60
C LEU B 172 13.96 8.83 1.15
N ALA B 173 13.65 10.01 0.60
CA ALA B 173 14.64 10.91 0.06
C ALA B 173 15.55 11.44 1.16
N GLU B 174 14.97 11.77 2.31
CA GLU B 174 15.72 12.44 3.35
C GLU B 174 16.60 11.49 4.14
N ASN B 175 16.19 10.23 4.25
CA ASN B 175 16.94 9.30 5.08
C ASN B 175 17.99 8.48 4.34
N ASN B 176 18.07 8.66 3.02
CA ASN B 176 18.94 7.84 2.17
C ASN B 176 19.77 8.71 1.25
N PRO B 177 21.04 8.95 1.61
CA PRO B 177 21.88 9.86 0.82
C PRO B 177 21.89 9.50 -0.64
N GLY B 178 21.60 10.46 -1.50
CA GLY B 178 21.66 10.25 -2.94
C GLY B 178 20.41 9.67 -3.54
N ALA B 179 19.46 9.28 -2.69
CA ALA B 179 18.23 8.66 -3.20
C ALA B 179 17.49 9.58 -4.15
N ARG B 180 16.94 8.99 -5.21
CA ARG B 180 16.10 9.67 -6.17
C ARG B 180 14.87 8.81 -6.35
N VAL B 181 13.75 9.38 -5.95
CA VAL B 181 12.49 8.65 -5.82
C VAL B 181 11.58 8.97 -6.99
N LEU B 182 11.18 7.96 -7.74
CA LEU B 182 10.13 8.10 -8.73
C LEU B 182 8.81 7.87 -8.03
N VAL B 183 7.93 8.83 -8.10
CA VAL B 183 6.60 8.73 -7.53
C VAL B 183 5.59 8.67 -8.66
N ALA B 184 4.62 7.77 -8.65
CA ALA B 184 3.56 7.79 -9.65
C ALA B 184 2.21 7.47 -9.03
N CYS B 185 1.19 8.21 -9.44
CA CYS B 185 -0.20 7.87 -9.14
C CYS B 185 -0.92 7.76 -10.44
N SER B 186 -1.78 6.74 -10.57
CA SER B 186 -2.47 6.50 -11.83
C SER B 186 -3.86 5.94 -11.54
N GLU B 187 -4.86 6.51 -12.17
CA GLU B 187 -6.25 6.15 -11.93
C GLU B 187 -7.01 6.02 -13.23
N VAL B 188 -7.83 4.95 -13.28
CA VAL B 188 -8.68 4.67 -14.43
C VAL B 188 -10.03 4.24 -13.86
N THR B 189 -11.11 4.80 -14.40
CA THR B 189 -12.44 4.64 -13.82
C THR B 189 -13.12 3.33 -14.17
N ALA B 190 -12.36 2.39 -14.70
CA ALA B 190 -12.94 1.08 -15.03
C ALA B 190 -13.53 0.34 -13.83
N VAL B 191 -12.97 0.54 -12.64
CA VAL B 191 -13.46 -0.23 -11.50
C VAL B 191 -14.69 0.44 -10.86
N THR B 192 -14.92 1.73 -11.15
CA THR B 192 -16.04 2.47 -10.55
C THR B 192 -17.23 2.79 -11.44
N PHE B 193 -17.03 2.78 -12.75
CA PHE B 193 -18.12 3.09 -13.66
C PHE B 193 -19.27 2.12 -13.52
N ARG B 194 -20.49 2.63 -13.46
CA ARG B 194 -21.65 1.76 -13.40
C ARG B 194 -22.93 2.55 -13.74
N ALA B 195 -24.02 1.85 -13.94
CA ALA B 195 -25.28 2.52 -14.24
C ALA B 195 -25.76 3.38 -13.09
N PRO B 196 -26.45 4.49 -13.40
CA PRO B 196 -27.07 5.30 -12.37
C PRO B 196 -28.31 4.64 -11.78
N SER B 197 -28.58 4.91 -10.51
CA SER B 197 -29.77 4.34 -9.85
C SER B 197 -30.38 5.33 -8.88
N GLU B 198 -31.71 5.42 -8.84
CA GLU B 198 -32.41 6.24 -7.84
C GLU B 198 -32.16 5.69 -6.42
N THR B 199 -31.67 4.46 -6.32
CA THR B 199 -31.34 3.89 -5.01
C THR B 199 -29.87 4.16 -4.62
N HIS B 200 -29.14 4.90 -5.44
CA HIS B 200 -27.74 5.19 -5.16
C HIS B 200 -27.42 6.61 -5.59
N LEU B 201 -28.12 7.58 -5.01
CA LEU B 201 -27.97 8.97 -5.43
C LEU B 201 -26.58 9.54 -5.16
N ASP B 202 -25.92 9.07 -4.12
CA ASP B 202 -24.56 9.54 -3.89
C ASP B 202 -23.63 9.03 -5.00
N GLY B 203 -24.01 7.98 -5.71
CA GLY B 203 -23.24 7.50 -6.84
C GLY B 203 -23.13 8.50 -8.00
N LEU B 204 -24.12 9.37 -8.11
CA LEU B 204 -24.16 10.38 -9.16
C LEU B 204 -23.03 11.36 -9.02
N VAL B 205 -22.58 11.58 -7.80
CA VAL B 205 -21.50 12.53 -7.55
C VAL B 205 -20.22 12.03 -8.21
N GLY B 206 -19.80 10.80 -7.88
CA GLY B 206 -18.66 10.21 -8.53
C GLY B 206 -18.80 10.11 -10.04
N ALA B 207 -20.01 9.80 -10.51
CA ALA B 207 -20.23 9.68 -11.95
C ALA B 207 -20.02 11.01 -12.63
N ALA B 208 -20.29 12.11 -11.93
CA ALA B 208 -20.12 13.44 -12.50
C ALA B 208 -18.70 13.95 -12.40
N LEU B 209 -17.97 13.50 -11.39
CA LEU B 209 -16.65 14.07 -11.07
C LEU B 209 -15.42 13.25 -11.49
N PHE B 210 -15.48 11.92 -11.39
CA PHE B 210 -14.27 11.15 -11.54
C PHE B 210 -13.87 11.02 -13.00
N GLY B 211 -12.57 11.26 -13.23
CA GLY B 211 -11.92 11.11 -14.53
C GLY B 211 -10.64 10.29 -14.42
N ASP B 212 -9.99 10.03 -15.54
CA ASP B 212 -8.76 9.24 -15.57
C ASP B 212 -7.55 10.15 -15.72
N GLY B 213 -6.44 9.72 -15.13
CA GLY B 213 -5.16 10.39 -15.33
C GLY B 213 -4.05 9.79 -14.50
N ALA B 214 -2.82 10.18 -14.82
CA ALA B 214 -1.64 9.73 -14.10
C ALA B 214 -0.66 10.88 -13.99
N ALA B 215 0.07 10.93 -12.89
CA ALA B 215 1.08 11.95 -12.68
C ALA B 215 2.28 11.29 -12.03
N ALA B 216 3.45 11.85 -12.29
CA ALA B 216 4.70 11.33 -11.78
C ALA B 216 5.58 12.48 -11.35
N LEU B 217 6.31 12.26 -10.26
CA LEU B 217 7.35 13.14 -9.80
C LEU B 217 8.69 12.45 -9.69
N ILE B 218 9.75 13.24 -9.71
CA ILE B 218 11.01 12.79 -9.17
C ILE B 218 11.26 13.61 -7.95
N ILE B 219 11.58 12.94 -6.84
CA ILE B 219 11.88 13.61 -5.58
C ILE B 219 13.23 13.20 -5.05
N GLY B 220 14.02 14.17 -4.58
CA GLY B 220 15.25 13.85 -3.90
C GLY B 220 15.70 14.99 -3.03
N SER B 221 16.60 14.67 -2.10
CA SER B 221 17.24 15.68 -1.28
C SER B 221 18.56 16.08 -1.91
N ASN B 222 19.01 17.29 -1.61
CA ASN B 222 20.31 17.82 -2.03
C ASN B 222 20.47 17.79 -3.55
N PRO B 223 19.63 18.58 -4.21
CA PRO B 223 19.75 18.69 -5.67
C PRO B 223 21.18 19.07 -6.09
N THR B 224 21.61 18.48 -7.18
CA THR B 224 22.90 18.83 -7.77
C THR B 224 22.76 20.00 -8.73
N PRO B 225 23.90 20.61 -9.12
CA PRO B 225 23.80 21.79 -9.99
C PRO B 225 23.18 21.51 -11.36
N VAL B 226 23.05 20.25 -11.77
CA VAL B 226 22.39 19.96 -13.04
C VAL B 226 20.92 19.54 -12.89
N GLU B 227 20.42 19.55 -11.65
CA GLU B 227 19.02 19.32 -11.36
C GLU B 227 18.36 20.69 -11.20
N LYS B 228 17.05 20.74 -11.30
CA LYS B 228 16.32 22.00 -11.29
C LYS B 228 15.16 21.87 -10.32
N PRO B 229 15.33 22.28 -9.08
CA PRO B 229 14.27 22.18 -8.08
C PRO B 229 13.04 23.00 -8.42
N LEU B 230 11.86 22.47 -8.06
CA LEU B 230 10.59 23.11 -8.29
C LEU B 230 9.91 23.50 -6.96
N PHE B 231 9.87 22.56 -6.02
CA PHE B 231 9.27 22.75 -4.68
C PHE B 231 10.05 21.94 -3.66
N GLU B 232 10.11 22.42 -2.41
CA GLU B 232 10.65 21.66 -1.29
C GLU B 232 9.51 21.24 -0.40
N VAL B 233 9.60 20.03 0.16
CA VAL B 233 8.62 19.55 1.11
C VAL B 233 9.17 19.69 2.51
N HIS B 234 8.59 20.57 3.32
CA HIS B 234 9.17 20.89 4.63
C HIS B 234 8.51 20.22 5.82
N TRP B 235 7.24 19.86 5.69
CA TRP B 235 6.46 19.33 6.82
C TRP B 235 5.34 18.50 6.24
N SER B 236 5.00 17.40 6.92
CA SER B 236 3.90 16.56 6.46
C SER B 236 3.14 16.01 7.66
N GLY B 237 1.83 15.91 7.52
CA GLY B 237 0.96 15.37 8.56
C GLY B 237 -0.23 14.69 7.92
N GLN B 238 -0.85 13.85 8.72
CA GLN B 238 -2.04 13.12 8.33
C GLN B 238 -2.94 13.07 9.55
N CYS B 239 -4.25 13.28 9.38
CA CYS B 239 -5.14 13.22 10.52
CA CYS B 239 -5.15 13.27 10.52
C CYS B 239 -6.55 12.84 10.12
N VAL B 240 -7.18 12.11 11.02
CA VAL B 240 -8.60 11.79 10.90
C VAL B 240 -9.39 12.93 11.55
N LEU B 241 -10.34 13.51 10.81
CA LEU B 241 -11.09 14.63 11.33
C LEU B 241 -12.20 14.18 12.29
N PRO B 242 -12.49 14.99 13.31
CA PRO B 242 -13.54 14.61 14.25
C PRO B 242 -14.92 14.57 13.62
N ASP B 243 -15.80 13.75 14.20
CA ASP B 243 -17.19 13.69 13.77
C ASP B 243 -17.34 13.40 12.27
N SER B 244 -16.49 12.52 11.73
CA SER B 244 -16.45 12.30 10.27
C SER B 244 -16.60 10.83 9.94
N ASP B 245 -16.93 10.02 10.93
CA ASP B 245 -16.98 8.60 10.71
C ASP B 245 -18.01 8.22 9.65
N GLY B 246 -17.57 7.40 8.71
CA GLY B 246 -18.41 6.95 7.64
C GLY B 246 -18.67 7.99 6.58
N ALA B 247 -17.93 9.10 6.55
CA ALA B 247 -18.18 10.15 5.55
C ALA B 247 -18.01 9.62 4.12
N ILE B 248 -16.97 8.83 3.90
CA ILE B 248 -16.69 8.21 2.60
C ILE B 248 -16.32 6.74 2.81
N LEU B 249 -17.10 5.84 2.22
CA LEU B 249 -16.81 4.42 2.31
C LEU B 249 -16.65 3.91 0.90
N GLY B 250 -15.67 3.04 0.68
CA GLY B 250 -15.47 2.46 -0.64
C GLY B 250 -15.26 0.96 -0.49
N HIS B 251 -16.17 0.19 -1.09
CA HIS B 251 -16.16 -1.25 -0.94
C HIS B 251 -15.85 -1.89 -2.30
N LEU B 252 -14.89 -2.80 -2.32
CA LEU B 252 -14.54 -3.53 -3.54
C LEU B 252 -15.32 -4.84 -3.53
N ARG B 253 -16.23 -4.98 -4.48
CA ARG B 253 -17.18 -6.10 -4.50
C ARG B 253 -17.13 -6.79 -5.86
N GLU B 254 -17.92 -7.86 -6.02
CA GLU B 254 -17.99 -8.53 -7.30
C GLU B 254 -18.53 -7.57 -8.38
N ALA B 255 -19.20 -6.50 -7.96
CA ALA B 255 -19.72 -5.49 -8.89
C ALA B 255 -18.72 -4.35 -9.14
N GLY B 256 -17.52 -4.46 -8.59
CA GLY B 256 -16.51 -3.43 -8.72
C GLY B 256 -16.47 -2.59 -7.46
N LEU B 257 -15.93 -1.38 -7.59
CA LEU B 257 -15.72 -0.49 -6.46
C LEU B 257 -16.92 0.43 -6.32
N VAL B 258 -17.54 0.39 -5.13
CA VAL B 258 -18.74 1.15 -4.84
C VAL B 258 -18.48 2.15 -3.73
N PHE B 259 -18.84 3.41 -3.94
CA PHE B 259 -18.66 4.45 -2.94
C PHE B 259 -19.98 4.82 -2.26
N HIS B 260 -19.91 5.12 -0.97
CA HIS B 260 -21.06 5.62 -0.22
C HIS B 260 -20.63 6.87 0.53
N LEU B 261 -21.47 7.89 0.44
CA LEU B 261 -21.19 9.20 1.02
C LEU B 261 -22.28 9.53 2.02
N LEU B 262 -21.89 9.79 3.27
CA LEU B 262 -22.88 9.83 4.34
C LEU B 262 -22.84 11.12 5.13
N LYS B 263 -21.90 12.00 4.82
CA LYS B 263 -21.81 13.27 5.55
C LYS B 263 -21.46 14.44 4.63
N ASP B 264 -21.28 15.61 5.20
CA ASP B 264 -20.94 16.83 4.45
C ASP B 264 -19.42 17.00 4.46
N VAL B 265 -18.75 16.39 3.48
CA VAL B 265 -17.29 16.44 3.44
C VAL B 265 -16.75 17.87 3.34
N PRO B 266 -17.26 18.70 2.40
CA PRO B 266 -16.78 20.09 2.36
C PRO B 266 -16.98 20.82 3.70
N GLY B 267 -18.12 20.59 4.35
CA GLY B 267 -18.38 21.19 5.65
C GLY B 267 -17.41 20.72 6.72
N ILE B 268 -17.17 19.40 6.79
CA ILE B 268 -16.26 18.87 7.79
C ILE B 268 -14.85 19.43 7.55
N ILE B 269 -14.41 19.48 6.30
CA ILE B 269 -13.07 19.97 6.04
C ILE B 269 -12.97 21.44 6.41
N SER B 270 -13.92 22.25 5.98
CA SER B 270 -13.90 23.69 6.28
C SER B 270 -13.94 23.98 7.78
N LYS B 271 -14.72 23.19 8.53
CA LYS B 271 -14.80 23.37 9.99
C LYS B 271 -13.45 23.16 10.70
N ASN B 272 -12.59 22.34 10.11
CA ASN B 272 -11.36 21.89 10.76
C ASN B 272 -10.07 22.42 10.13
N ILE B 273 -10.17 23.13 9.02
CA ILE B 273 -8.97 23.45 8.23
C ILE B 273 -8.03 24.42 8.98
N GLU B 274 -8.56 25.38 9.72
CA GLU B 274 -7.66 26.25 10.48
C GLU B 274 -6.83 25.46 11.48
N LYS B 275 -7.47 24.54 12.20
CA LYS B 275 -6.78 23.69 13.17
C LYS B 275 -5.68 22.82 12.53
N LEU B 276 -6.00 22.22 11.40
CA LEU B 276 -5.05 21.40 10.65
C LEU B 276 -3.81 22.16 10.29
N LEU B 277 -3.99 23.44 10.00
CA LEU B 277 -2.91 24.26 9.52
C LEU B 277 -2.07 24.87 10.62
N ALA B 278 -2.49 24.75 11.87
CA ALA B 278 -1.73 25.36 12.95
C ALA B 278 -0.29 24.84 13.01
N GLU B 279 -0.10 23.53 12.90
CA GLU B 279 1.24 22.98 13.06
C GLU B 279 2.19 23.43 11.93
N PRO B 280 1.78 23.27 10.67
CA PRO B 280 2.70 23.75 9.62
C PRO B 280 2.93 25.25 9.67
N LEU B 281 1.95 26.04 10.09
CA LEU B 281 2.16 27.48 10.21
C LEU B 281 3.09 27.79 11.38
N ASP B 282 3.10 26.94 12.40
CA ASP B 282 4.04 27.16 13.50
C ASP B 282 5.47 26.84 13.04
N TYR B 283 5.61 25.91 12.10
CA TYR B 283 6.91 25.61 11.48
C TYR B 283 7.39 26.83 10.73
N VAL B 284 6.51 27.45 9.93
CA VAL B 284 6.86 28.67 9.22
C VAL B 284 7.32 29.75 10.20
N LYS B 285 6.59 29.91 11.30
CA LYS B 285 6.97 30.89 12.31
C LYS B 285 8.35 30.59 12.88
N SER B 286 8.65 29.31 13.08
CA SER B 286 9.96 28.90 13.59
C SER B 286 11.10 29.22 12.62
N VAL B 287 10.83 29.12 11.33
CA VAL B 287 11.84 29.37 10.30
C VAL B 287 11.95 30.85 9.92
N ASP B 288 10.83 31.55 9.95
CA ASP B 288 10.72 32.91 9.41
C ASP B 288 10.38 33.99 10.43
N GLU B 289 10.02 33.58 11.64
CA GLU B 289 9.70 34.47 12.74
C GLU B 289 8.44 35.29 12.53
N ALA B 290 7.76 35.08 11.41
CA ALA B 290 6.48 35.76 11.16
C ALA B 290 5.37 34.78 10.81
N SER B 291 4.15 35.27 10.85
CA SER B 291 2.95 34.45 10.71
C SER B 291 2.15 34.91 9.50
N PRO B 292 2.29 34.23 8.35
CA PRO B 292 1.51 34.64 7.18
C PRO B 292 0.02 34.40 7.38
N ALA B 293 -0.81 35.20 6.70
CA ALA B 293 -2.22 34.87 6.56
C ALA B 293 -2.35 33.71 5.61
N TYR B 294 -3.50 33.04 5.66
CA TYR B 294 -3.72 31.91 4.77
C TYR B 294 -3.59 32.32 3.32
N THR B 295 -4.05 33.53 3.00
CA THR B 295 -4.02 33.98 1.62
C THR B 295 -2.59 34.43 1.20
N ASP B 296 -1.64 34.43 2.15
CA ASP B 296 -0.24 34.72 1.85
C ASP B 296 0.53 33.45 1.45
N LEU B 297 -0.18 32.32 1.43
CA LEU B 297 0.36 31.02 1.00
C LEU B 297 -0.16 30.68 -0.38
N PHE B 298 0.58 29.87 -1.13
CA PHE B 298 0.02 29.26 -2.33
C PHE B 298 -0.63 27.93 -1.98
N TRP B 299 -1.51 27.48 -2.87
CA TRP B 299 -2.44 26.38 -2.56
C TRP B 299 -2.41 25.32 -3.64
N VAL B 300 -2.11 24.11 -3.22
CA VAL B 300 -2.10 22.95 -4.10
C VAL B 300 -3.09 21.94 -3.54
N VAL B 301 -4.33 22.02 -3.98
CA VAL B 301 -5.40 21.31 -3.28
C VAL B 301 -6.01 20.23 -4.17
N HIS B 302 -6.31 19.10 -3.55
CA HIS B 302 -7.03 18.05 -4.28
C HIS B 302 -8.37 18.61 -4.78
N PRO B 303 -8.61 18.57 -6.12
CA PRO B 303 -9.87 19.14 -6.64
C PRO B 303 -11.03 18.14 -6.47
N GLY B 304 -11.45 17.93 -5.23
CA GLY B 304 -12.41 16.88 -4.93
C GLY B 304 -13.76 17.19 -5.54
N GLY B 305 -14.02 18.48 -5.70
CA GLY B 305 -15.26 18.98 -6.28
C GLY B 305 -15.32 20.45 -6.01
N PRO B 306 -16.28 21.13 -6.61
CA PRO B 306 -16.30 22.59 -6.46
C PRO B 306 -16.64 23.06 -5.06
N ALA B 307 -17.47 22.32 -4.33
CA ALA B 307 -17.93 22.74 -3.02
C ALA B 307 -16.78 22.81 -2.02
N ILE B 308 -15.86 21.87 -2.08
CA ILE B 308 -14.73 21.88 -1.14
C ILE B 308 -13.90 23.10 -1.39
N LEU B 309 -13.64 23.42 -2.66
CA LEU B 309 -12.77 24.55 -2.98
C LEU B 309 -13.45 25.87 -2.58
N ASP B 310 -14.72 26.02 -2.92
CA ASP B 310 -15.50 27.21 -2.55
C ASP B 310 -15.54 27.42 -1.03
N GLN B 311 -15.79 26.36 -0.28
CA GLN B 311 -15.95 26.51 1.17
C GLN B 311 -14.62 26.75 1.89
N VAL B 312 -13.54 26.12 1.43
CA VAL B 312 -12.21 26.37 2.01
C VAL B 312 -11.77 27.81 1.66
N GLU B 313 -11.98 28.22 0.41
CA GLU B 313 -11.68 29.61 0.00
C GLU B 313 -12.37 30.62 0.91
N ALA B 314 -13.66 30.41 1.14
CA ALA B 314 -14.44 31.32 1.97
C ALA B 314 -13.98 31.28 3.42
N LYS B 315 -13.77 30.08 3.97
CA LYS B 315 -13.38 29.94 5.38
C LYS B 315 -12.05 30.63 5.68
N LEU B 316 -11.10 30.47 4.76
CA LEU B 316 -9.75 30.99 4.96
C LEU B 316 -9.59 32.39 4.39
N LYS B 317 -10.66 32.96 3.83
CA LYS B 317 -10.59 34.30 3.25
C LYS B 317 -9.46 34.45 2.22
N LEU B 318 -9.36 33.47 1.33
CA LEU B 318 -8.38 33.48 0.25
C LEU B 318 -8.78 34.40 -0.91
N ASP B 319 -7.80 35.13 -1.44
CA ASP B 319 -7.98 35.80 -2.72
C ASP B 319 -8.42 34.75 -3.72
N LYS B 320 -9.35 35.11 -4.61
CA LYS B 320 -9.92 34.14 -5.57
C LYS B 320 -8.86 33.48 -6.42
N ASP B 321 -7.73 34.13 -6.65
CA ASP B 321 -6.70 33.51 -7.50
C ASP B 321 -5.98 32.34 -6.84
N ARG B 322 -6.03 32.22 -5.51
CA ARG B 322 -5.24 31.18 -4.84
C ARG B 322 -5.68 29.80 -5.24
N MET B 323 -6.98 29.61 -5.45
CA MET B 323 -7.47 28.31 -5.87
C MET B 323 -7.45 28.13 -7.38
N GLN B 324 -6.89 29.06 -8.14
CA GLN B 324 -7.06 28.98 -9.59
C GLN B 324 -6.34 27.77 -10.21
N ALA B 325 -5.11 27.47 -9.77
CA ALA B 325 -4.44 26.26 -10.29
C ALA B 325 -5.30 25.03 -10.06
N THR B 326 -5.86 24.91 -8.86
CA THR B 326 -6.71 23.77 -8.54
C THR B 326 -7.96 23.73 -9.43
N ARG B 327 -8.61 24.87 -9.59
CA ARG B 327 -9.82 24.95 -10.43
C ARG B 327 -9.51 24.66 -11.89
N ASP B 328 -8.32 25.05 -12.35
CA ASP B 328 -7.94 24.78 -13.74
C ASP B 328 -7.86 23.29 -14.02
N VAL B 329 -7.29 22.54 -13.09
CA VAL B 329 -7.21 21.09 -13.20
C VAL B 329 -8.60 20.49 -13.16
N LEU B 330 -9.42 20.90 -12.22
CA LEU B 330 -10.80 20.41 -12.15
C LEU B 330 -11.50 20.66 -13.49
N ALA B 331 -11.36 21.88 -14.02
CA ALA B 331 -11.98 22.23 -15.29
C ALA B 331 -11.56 21.33 -16.46
N GLN B 332 -10.26 21.05 -16.58
CA GLN B 332 -9.76 20.38 -17.77
C GLN B 332 -9.74 18.85 -17.67
N TYR B 333 -9.79 18.33 -16.44
CA TYR B 333 -9.57 16.89 -16.22
C TYR B 333 -10.54 16.25 -15.23
N GLY B 334 -11.27 17.06 -14.49
CA GLY B 334 -12.09 16.53 -13.41
C GLY B 334 -11.28 16.04 -12.21
N ASN B 335 -11.92 15.18 -11.43
CA ASN B 335 -11.31 14.59 -10.23
C ASN B 335 -10.69 13.25 -10.62
N MET B 336 -9.37 13.21 -10.71
CA MET B 336 -8.66 12.02 -11.09
C MET B 336 -8.15 11.30 -9.86
N SER B 337 -8.92 11.40 -8.76
CA SER B 337 -8.53 10.77 -7.49
C SER B 337 -7.06 11.08 -7.18
N SER B 338 -6.26 10.07 -6.87
CA SER B 338 -4.97 10.34 -6.24
C SER B 338 -4.07 11.21 -7.10
N ALA B 339 -4.14 11.07 -8.42
CA ALA B 339 -3.21 11.81 -9.28
C ALA B 339 -3.51 13.29 -9.27
N SER B 340 -4.72 13.69 -8.92
CA SER B 340 -5.14 15.09 -9.15
C SER B 340 -4.26 16.14 -8.54
N VAL B 341 -3.88 15.97 -7.28
CA VAL B 341 -3.16 17.03 -6.59
C VAL B 341 -1.77 17.21 -7.24
N LEU B 342 -1.24 16.17 -7.89
CA LEU B 342 0.05 16.26 -8.60
C LEU B 342 -0.12 17.01 -9.94
N PHE B 343 -1.27 16.85 -10.61
CA PHE B 343 -1.59 17.73 -11.72
C PHE B 343 -1.63 19.19 -11.28
N VAL B 344 -2.14 19.45 -10.07
CA VAL B 344 -2.26 20.82 -9.58
C VAL B 344 -0.87 21.36 -9.33
N LEU B 345 0.02 20.53 -8.81
CA LEU B 345 1.41 20.95 -8.59
C LEU B 345 2.05 21.36 -9.92
N ASP B 346 1.84 20.56 -10.97
CA ASP B 346 2.34 20.89 -12.30
C ASP B 346 1.73 22.19 -12.83
N GLN B 347 0.42 22.36 -12.65
CA GLN B 347 -0.27 23.58 -13.09
C GLN B 347 0.25 24.81 -12.35
N MET B 348 0.57 24.66 -11.07
CA MET B 348 1.10 25.76 -10.29
C MET B 348 2.41 26.22 -10.92
N ARG B 349 3.32 25.26 -11.18
CA ARG B 349 4.57 25.58 -11.85
C ARG B 349 4.33 26.16 -13.25
N LYS B 350 3.38 25.62 -13.99
CA LYS B 350 3.14 26.10 -15.35
C LYS B 350 2.66 27.56 -15.40
N ARG B 351 1.78 27.91 -14.48
CA ARG B 351 1.25 29.27 -14.45
C ARG B 351 2.35 30.21 -13.94
N SER B 352 3.29 29.71 -13.16
CA SER B 352 4.39 30.58 -12.69
C SER B 352 5.24 31.06 -13.87
N VAL B 353 5.44 30.20 -14.87
CA VAL B 353 6.13 30.60 -16.09
C VAL B 353 5.29 31.55 -16.94
N GLU B 354 4.06 31.19 -17.24
CA GLU B 354 3.27 31.99 -18.18
C GLU B 354 2.77 33.33 -17.62
N LEU B 355 2.64 33.41 -16.30
CA LEU B 355 2.20 34.63 -15.65
C LEU B 355 3.37 35.39 -15.03
N ASN B 356 4.58 34.99 -15.38
CA ASN B 356 5.80 35.69 -14.94
C ASN B 356 5.86 35.88 -13.42
N LYS B 357 5.56 34.84 -12.65
CA LYS B 357 5.64 34.88 -11.19
C LYS B 357 7.08 34.81 -10.70
N ASP B 358 7.32 35.37 -9.50
CA ASP B 358 8.65 35.43 -8.89
C ASP B 358 9.14 34.10 -8.31
N THR B 359 8.22 33.17 -8.12
CA THR B 359 8.54 31.84 -7.61
C THR B 359 7.63 30.85 -8.31
N THR B 360 7.92 29.55 -8.14
CA THR B 360 7.09 28.51 -8.70
C THR B 360 5.74 28.37 -8.05
N GLY B 361 5.56 28.93 -6.85
CA GLY B 361 4.29 28.93 -6.19
C GLY B 361 3.56 30.26 -6.17
N ASP B 362 3.13 30.71 -7.35
CA ASP B 362 2.31 31.92 -7.50
C ASP B 362 3.03 33.18 -6.97
N GLY B 363 4.35 33.11 -6.92
CA GLY B 363 5.15 34.20 -6.44
C GLY B 363 5.25 34.32 -4.93
N LEU B 364 4.72 33.32 -4.23
CA LEU B 364 4.77 33.27 -2.79
C LEU B 364 5.82 32.26 -2.31
N LYS B 365 6.19 32.35 -1.04
CA LYS B 365 7.26 31.52 -0.49
C LYS B 365 6.73 30.16 -0.05
N TRP B 366 5.70 30.18 0.79
CA TRP B 366 5.18 28.97 1.40
C TRP B 366 3.85 28.58 0.80
N GLY B 367 3.62 27.28 0.72
CA GLY B 367 2.37 26.76 0.20
C GLY B 367 1.85 25.55 0.95
N VAL B 368 0.59 25.25 0.73
CA VAL B 368 -0.08 24.11 1.40
C VAL B 368 -0.56 23.15 0.34
N MET B 369 -0.20 21.89 0.53
CA MET B 369 -0.66 20.80 -0.30
C MET B 369 -1.63 19.97 0.54
N LEU B 370 -2.84 19.77 0.02
CA LEU B 370 -3.90 19.04 0.73
C LEU B 370 -4.48 17.94 -0.09
N GLY B 371 -4.59 16.76 0.51
CA GLY B 371 -5.32 15.65 -0.05
C GLY B 371 -6.35 15.17 0.95
N PHE B 372 -7.45 14.58 0.50
CA PHE B 372 -8.37 14.02 1.47
C PHE B 372 -9.07 12.83 0.92
N GLY B 373 -9.54 12.00 1.82
CA GLY B 373 -10.07 10.73 1.44
C GLY B 373 -10.75 10.09 2.61
N PRO B 374 -11.14 8.82 2.46
CA PRO B 374 -11.87 8.07 3.48
C PRO B 374 -11.24 8.18 4.86
N GLY B 375 -12.08 8.33 5.89
CA GLY B 375 -11.63 8.43 7.26
C GLY B 375 -12.62 9.18 8.16
N LEU B 376 -12.90 10.46 7.88
CA LEU B 376 -12.27 11.26 6.82
C LEU B 376 -10.85 11.62 7.17
N THR B 377 -9.94 11.35 6.24
CA THR B 377 -8.52 11.63 6.41
C THR B 377 -8.11 12.82 5.58
N VAL B 378 -7.33 13.72 6.18
CA VAL B 378 -6.73 14.83 5.46
C VAL B 378 -5.20 14.66 5.57
N GLU B 379 -4.53 14.72 4.42
CA GLU B 379 -3.06 14.83 4.30
C GLU B 379 -2.69 16.27 4.08
N THR B 380 -1.79 16.79 4.91
CA THR B 380 -1.34 18.17 4.77
C THR B 380 0.17 18.20 4.59
N LEU B 381 0.66 18.92 3.58
CA LEU B 381 2.09 19.13 3.44
C LEU B 381 2.37 20.62 3.28
N LEU B 382 3.43 21.05 3.95
CA LEU B 382 3.96 22.38 3.77
C LEU B 382 5.04 22.38 2.70
N LEU B 383 4.83 23.19 1.65
CA LEU B 383 5.77 23.35 0.56
C LEU B 383 6.50 24.68 0.60
N LYS B 384 7.72 24.71 0.10
CA LYS B 384 8.39 25.98 -0.17
C LYS B 384 8.60 26.04 -1.66
N SER B 385 8.34 27.22 -2.24
CA SER B 385 8.57 27.43 -3.67
C SER B 385 10.07 27.63 -3.93
N ILE B 386 10.42 27.67 -5.21
CA ILE B 386 11.76 27.96 -5.68
C ILE B 386 11.72 29.25 -6.48
#